data_7DST
#
_entry.id   7DST
#
loop_
_entity.id
_entity.type
_entity.pdbx_description
1 polymer 'VP1 of O type FMDV capsid'
2 polymer 'VP2 of O type FMDV capsid'
3 polymer 'VP3 of O type FMDV capsid'
4 polymer 'VP4 of O type FMDV capsid'
5 polymer 'M170 Nab'
#
loop_
_entity_poly.entity_id
_entity_poly.type
_entity_poly.pdbx_seq_one_letter_code
_entity_poly.pdbx_strand_id
1 'polypeptide(L)'
;TTSTGESADPVTATVENYGGETQVQRRHHTDVSFILDRFVKVTPKDSINVLDLMQTPSHTLVGALLRTATYYFADLEVAV
KHKGDLTWVPNGAPVAALDNTTNPTAYHKAPLTRLALPYTAPHRVLATVYNGKCKYAEGSLPNVRGDLQVLAQKAARPLP
TSFNYGAIKATRVTELLYRMKRAETYCPRPLLAVHPSAARHKQKIVAP
;
A
2 'polypeptide(L)'
;RILTTRNGHTTSTTQSSVGITHGYATAEDFVNGPNTSGLETRVVQAERFFKTHLFDWVTSDPFGRYYLLELPTDHKGVYG
SLTDSYAYMRNGWDVEVTAVGNQFNGGCLLVAMVPELCSIEQRELFQLTLFPHQFINPRTNMTAHIKVPFVGVNRYDQYK
VHKPWTLVVMVVAPLTVNTEGAPQIKVYANIAPTNVHVAGEFPSKE
;
B
3 'polypeptide(L)'
;GIFPVACSDGYGGLVTTDPKTADPVYGKVFNPPRNMLPGRFTNLLDVAEACPTFLHFDGDVPYVTTKTDSDRVLAQFDLS
LAAKHMSNTFLAGLAQYYTQYSGTVNLHFMFTGPTDAKARYMIAYAPPGMEPPKTPEAAAHCIHAEWDTGLNSKFTFSIP
YLSAADYAYTASDAAETTNVQGWVCLFQITHGKAEGDALVVLASAGKDFELRLPVDARQ
;
C
4 'polypeptide(L)' SQNQSGNTGSIINNYYMQQYQNSMDTQLGNNAISGGSNEGSTDTTSTHTTNTQNNDWFSKLASSAFSGLFGALLA D
5 'polypeptide(L)'
;GGSQVQLQESGGGLVQAGGSLRLSCAASGRTFSSYAMGWFRQAPGSEREFVARISWSGGSTYYADSVKGRFTISRDNAKN
TVYLQMNSLKPEDTAVYYCTAGFALPPSDYWGQGTQVTVSS
;
E
#
# COMPACT_ATOMS: atom_id res chain seq x y z
N THR A 1 14.40 45.09 10.01
CA THR A 1 14.26 44.36 8.77
C THR A 1 12.80 44.12 8.44
N THR A 2 12.27 44.89 7.50
CA THR A 2 10.88 44.77 7.08
C THR A 2 10.79 44.02 5.77
N SER A 3 9.71 43.27 5.62
CA SER A 3 9.43 42.57 4.38
C SER A 3 7.94 42.27 4.35
N THR A 4 7.51 41.58 3.30
CA THR A 4 6.11 41.19 3.16
C THR A 4 5.94 39.83 3.82
N GLY A 5 5.17 39.79 4.90
CA GLY A 5 4.99 38.53 5.61
C GLY A 5 4.23 37.50 4.82
N GLU A 6 3.32 37.93 3.96
CA GLU A 6 2.48 37.00 3.22
C GLU A 6 3.28 36.16 2.22
N SER A 7 4.55 36.49 2.02
CA SER A 7 5.32 35.81 1.00
C SER A 7 5.61 34.37 1.39
N ALA A 8 5.75 34.10 2.68
CA ALA A 8 6.16 32.84 3.26
C ALA A 8 7.62 32.52 2.95
N ASP A 9 8.31 33.32 2.16
CA ASP A 9 9.73 33.13 1.96
C ASP A 9 10.45 33.34 3.30
N PRO A 10 11.39 32.49 3.66
CA PRO A 10 12.05 32.63 4.96
C PRO A 10 12.89 33.89 5.01
N VAL A 11 12.73 34.65 6.08
CA VAL A 11 13.50 35.86 6.32
C VAL A 11 14.11 35.77 7.70
N THR A 12 15.44 35.71 7.75
CA THR A 12 16.17 35.63 9.02
C THR A 12 16.97 36.91 9.20
N ALA A 13 16.53 37.76 10.11
CA ALA A 13 17.31 38.92 10.49
C ALA A 13 18.39 38.51 11.47
N THR A 14 19.45 39.32 11.52
CA THR A 14 20.63 38.99 12.30
C THR A 14 20.93 40.14 13.25
N VAL A 15 21.82 39.85 14.21
CA VAL A 15 22.19 40.86 15.19
C VAL A 15 22.98 42.01 14.59
N GLU A 16 23.56 41.84 13.41
CA GLU A 16 24.35 42.93 12.83
C GLU A 16 23.50 44.16 12.55
N ASN A 17 22.18 44.02 12.57
CA ASN A 17 21.33 45.19 12.33
C ASN A 17 21.61 46.30 13.32
N TYR A 18 21.51 46.02 14.61
CA TYR A 18 21.78 47.02 15.64
C TYR A 18 23.23 46.95 16.11
N GLY A 19 24.06 46.21 15.41
CA GLY A 19 25.49 46.28 15.65
C GLY A 19 26.12 45.10 16.34
N GLY A 20 25.40 44.00 16.49
CA GLY A 20 25.98 42.78 17.01
C GLY A 20 26.84 42.08 15.98
N GLU A 21 27.27 40.88 16.34
CA GLU A 21 28.03 40.02 15.44
C GLU A 21 27.58 38.59 15.64
N THR A 22 27.20 37.93 14.54
CA THR A 22 26.73 36.55 14.62
C THR A 22 27.86 35.62 15.00
N GLN A 23 27.57 34.64 15.85
CA GLN A 23 28.59 33.72 16.32
C GLN A 23 28.60 32.43 15.51
N VAL A 24 29.38 31.47 15.96
CA VAL A 24 29.54 30.18 15.27
C VAL A 24 28.59 29.16 15.85
N GLN A 25 28.05 28.30 15.00
CA GLN A 25 27.10 27.30 15.41
C GLN A 25 27.66 25.91 15.19
N ARG A 26 27.35 24.99 16.10
CA ARG A 26 27.63 23.58 15.92
C ARG A 26 26.36 22.80 16.21
N ARG A 27 25.77 22.23 15.16
CA ARG A 27 24.43 21.67 15.22
C ARG A 27 24.40 20.15 15.32
N HIS A 28 25.55 19.51 15.54
CA HIS A 28 25.63 18.05 15.50
C HIS A 28 24.49 17.39 16.28
N HIS A 29 24.17 17.91 17.45
CA HIS A 29 23.20 17.23 18.31
C HIS A 29 21.78 17.27 17.77
N THR A 30 21.47 18.15 16.81
CA THR A 30 20.14 18.15 16.21
C THR A 30 20.09 17.38 14.90
N ASP A 31 21.20 16.78 14.48
CA ASP A 31 21.20 16.03 13.23
C ASP A 31 20.21 14.86 13.34
N VAL A 32 19.44 14.65 12.27
CA VAL A 32 18.37 13.64 12.33
C VAL A 32 18.95 12.27 12.60
N SER A 33 19.93 11.86 11.80
CA SER A 33 20.51 10.53 11.98
C SER A 33 21.15 10.39 13.34
N PHE A 34 21.72 11.46 13.88
CA PHE A 34 22.40 11.38 15.16
C PHE A 34 21.38 11.29 16.30
N ILE A 35 20.36 12.13 16.27
CA ILE A 35 19.49 12.26 17.43
C ILE A 35 18.57 11.05 17.54
N LEU A 36 18.24 10.40 16.43
CA LEU A 36 17.30 9.29 16.46
C LEU A 36 17.98 7.95 16.67
N ASP A 37 19.30 7.91 16.83
CA ASP A 37 19.99 6.63 16.94
C ASP A 37 20.30 6.37 18.41
N ARG A 38 19.49 5.48 19.00
CA ARG A 38 19.53 5.15 20.41
C ARG A 38 18.32 4.28 20.73
N PHE A 39 18.36 3.65 21.90
CA PHE A 39 17.29 2.73 22.24
C PHE A 39 16.16 3.45 22.97
N VAL A 40 14.93 3.03 22.70
CA VAL A 40 13.74 3.55 23.34
C VAL A 40 12.88 2.38 23.75
N LYS A 41 12.25 2.48 24.91
CA LYS A 41 11.53 1.33 25.46
C LYS A 41 10.13 1.24 24.89
N VAL A 42 9.67 0.02 24.69
CA VAL A 42 8.32 -0.28 24.24
C VAL A 42 7.74 -1.35 25.13
N THR A 43 6.52 -1.12 25.63
CA THR A 43 5.88 -2.11 26.47
C THR A 43 5.57 -3.34 25.65
N PRO A 44 6.17 -4.49 25.94
CA PRO A 44 5.98 -5.66 25.08
C PRO A 44 4.65 -6.35 25.34
N LYS A 45 4.40 -7.38 24.54
CA LYS A 45 3.32 -8.31 24.78
C LYS A 45 3.91 -9.70 24.96
N ASP A 46 3.21 -10.52 25.74
CA ASP A 46 3.81 -11.72 26.31
C ASP A 46 4.56 -12.54 25.27
N SER A 47 3.89 -12.86 24.15
CA SER A 47 4.50 -13.76 23.16
C SER A 47 4.80 -13.02 21.86
N ILE A 48 3.79 -12.72 21.04
CA ILE A 48 4.05 -12.17 19.71
C ILE A 48 4.05 -10.66 19.79
N ASN A 49 5.12 -10.05 19.28
CA ASN A 49 5.23 -8.59 19.22
C ASN A 49 5.58 -8.20 17.79
N VAL A 50 4.68 -7.50 17.14
CA VAL A 50 4.96 -6.98 15.81
C VAL A 50 5.89 -5.78 15.95
N LEU A 51 6.97 -5.78 15.18
CA LEU A 51 7.92 -4.69 15.28
C LEU A 51 7.33 -3.50 14.54
N ASP A 52 7.07 -2.43 15.28
CA ASP A 52 6.45 -1.25 14.70
C ASP A 52 7.00 -0.04 15.43
N LEU A 53 7.41 0.98 14.68
CA LEU A 53 7.97 2.16 15.32
C LEU A 53 6.91 3.04 15.93
N MET A 54 5.65 2.84 15.57
CA MET A 54 4.63 3.69 16.16
C MET A 54 4.23 3.22 17.54
N GLN A 55 4.70 2.06 17.99
CA GLN A 55 4.40 1.62 19.35
C GLN A 55 5.17 2.40 20.40
N THR A 56 6.24 3.08 20.02
CA THR A 56 6.96 3.90 20.97
C THR A 56 6.06 5.00 21.50
N PRO A 57 6.14 5.33 22.79
CA PRO A 57 5.29 6.39 23.33
C PRO A 57 5.57 7.71 22.62
N SER A 58 4.53 8.52 22.49
CA SER A 58 4.64 9.76 21.75
C SER A 58 5.45 10.82 22.49
N HIS A 59 5.54 10.72 23.81
CA HIS A 59 6.27 11.73 24.58
C HIS A 59 7.75 11.42 24.74
N THR A 60 8.18 10.20 24.45
CA THR A 60 9.59 9.89 24.53
C THR A 60 10.37 10.66 23.47
N LEU A 61 11.67 10.80 23.70
CA LEU A 61 12.50 11.58 22.78
C LEU A 61 12.54 10.94 21.41
N VAL A 62 12.61 9.61 21.35
CA VAL A 62 12.63 8.95 20.04
C VAL A 62 11.22 8.89 19.47
N GLY A 63 10.22 8.73 20.33
CA GLY A 63 8.86 8.67 19.83
C GLY A 63 8.41 10.00 19.25
N ALA A 64 8.63 11.08 19.99
CA ALA A 64 8.16 12.39 19.54
C ALA A 64 8.87 12.79 18.25
N LEU A 65 10.21 12.78 18.26
CA LEU A 65 10.94 13.22 17.10
C LEU A 65 10.64 12.38 15.87
N LEU A 66 10.29 11.11 16.08
CA LEU A 66 9.82 10.31 14.95
C LEU A 66 8.56 10.88 14.36
N ARG A 67 7.56 11.15 15.20
CA ARG A 67 6.23 11.49 14.70
C ARG A 67 6.18 12.85 14.06
N THR A 68 7.26 13.62 14.06
CA THR A 68 7.25 14.93 13.43
C THR A 68 7.53 14.89 11.94
N ALA A 69 7.69 13.71 11.35
CA ALA A 69 7.92 13.57 9.93
C ALA A 69 6.88 12.64 9.33
N THR A 70 6.25 13.06 8.25
CA THR A 70 5.24 12.20 7.65
C THR A 70 5.86 10.92 7.10
N TYR A 71 7.04 11.01 6.50
CA TYR A 71 7.62 9.91 5.76
C TYR A 71 9.03 9.63 6.24
N TYR A 72 9.24 8.44 6.80
CA TYR A 72 10.50 8.12 7.43
C TYR A 72 11.02 6.79 6.91
N PHE A 73 12.34 6.67 6.89
CA PHE A 73 13.03 5.45 6.52
C PHE A 73 14.19 5.22 7.48
N ALA A 74 14.41 3.94 7.82
CA ALA A 74 15.56 3.56 8.64
C ALA A 74 15.63 2.06 8.82
N ASP A 75 16.82 1.55 9.14
CA ASP A 75 16.93 0.18 9.59
C ASP A 75 16.51 0.10 11.05
N LEU A 76 16.72 -1.06 11.64
CA LEU A 76 16.25 -1.27 12.99
C LEU A 76 17.24 -2.12 13.75
N GLU A 77 17.50 -1.75 14.99
CA GLU A 77 18.17 -2.62 15.93
C GLU A 77 17.26 -2.85 17.12
N VAL A 78 17.16 -4.10 17.54
CA VAL A 78 16.31 -4.46 18.67
C VAL A 78 17.19 -5.01 19.78
N ALA A 79 16.75 -4.78 21.01
CA ALA A 79 17.37 -5.37 22.18
C ALA A 79 16.28 -5.97 23.04
N VAL A 80 16.31 -7.28 23.22
CA VAL A 80 15.20 -8.01 23.80
C VAL A 80 15.70 -8.82 24.98
N LYS A 81 14.91 -8.85 26.05
CA LYS A 81 15.15 -9.72 27.18
C LYS A 81 13.97 -10.69 27.26
N HIS A 82 14.25 -11.97 27.11
CA HIS A 82 13.20 -12.94 26.85
C HIS A 82 13.55 -14.28 27.47
N LYS A 83 12.56 -15.15 27.54
CA LYS A 83 12.76 -16.55 27.87
C LYS A 83 12.60 -17.41 26.64
N GLY A 84 13.35 -18.49 26.58
CA GLY A 84 13.24 -19.35 25.43
C GLY A 84 14.02 -18.81 24.24
N ASP A 85 13.50 -19.12 23.06
CA ASP A 85 14.18 -18.80 21.81
C ASP A 85 13.44 -17.73 21.04
N LEU A 86 14.11 -16.61 20.82
CA LEU A 86 13.53 -15.47 20.14
C LEU A 86 13.55 -15.73 18.64
N THR A 87 12.38 -15.73 18.01
CA THR A 87 12.24 -16.04 16.60
C THR A 87 11.74 -14.81 15.87
N TRP A 88 12.43 -14.42 14.80
CA TRP A 88 12.08 -13.24 14.03
C TRP A 88 11.56 -13.64 12.67
N VAL A 89 10.70 -12.81 12.11
CA VAL A 89 10.04 -13.09 10.85
C VAL A 89 10.04 -11.84 9.99
N PRO A 90 10.28 -11.94 8.69
CA PRO A 90 10.29 -10.74 7.84
C PRO A 90 8.88 -10.23 7.60
N ASN A 91 8.82 -9.02 7.05
CA ASN A 91 7.54 -8.37 6.79
C ASN A 91 6.65 -9.23 5.91
N GLY A 92 5.35 -9.14 6.14
CA GLY A 92 4.39 -9.80 5.29
C GLY A 92 4.42 -11.31 5.31
N ALA A 93 5.11 -11.91 6.26
CA ALA A 93 5.07 -13.36 6.33
C ALA A 93 3.97 -13.81 7.26
N PRO A 94 3.40 -15.00 7.02
CA PRO A 94 2.28 -15.47 7.84
C PRO A 94 2.65 -15.59 9.30
N VAL A 95 1.65 -15.43 10.17
CA VAL A 95 1.86 -15.58 11.59
C VAL A 95 2.27 -17.00 11.93
N ALA A 96 1.81 -17.98 11.14
CA ALA A 96 2.16 -19.37 11.41
C ALA A 96 3.64 -19.63 11.24
N ALA A 97 4.39 -18.64 10.72
CA ALA A 97 5.81 -18.84 10.48
C ALA A 97 6.64 -18.69 11.73
N LEU A 98 6.14 -17.99 12.74
CA LEU A 98 6.98 -17.68 13.90
C LEU A 98 7.34 -18.91 14.70
N ASP A 99 6.75 -20.06 14.39
CA ASP A 99 6.99 -21.28 15.13
C ASP A 99 8.09 -22.14 14.51
N ASN A 100 8.76 -21.65 13.47
CA ASN A 100 9.77 -22.43 12.76
C ASN A 100 11.16 -21.94 13.14
N THR A 101 11.99 -22.85 13.62
CA THR A 101 13.37 -22.50 13.95
C THR A 101 14.18 -22.17 12.71
N THR A 102 13.73 -22.58 11.53
CA THR A 102 14.42 -22.21 10.30
C THR A 102 14.50 -20.71 10.13
N ASN A 103 13.44 -19.99 10.46
CA ASN A 103 13.49 -18.54 10.50
C ASN A 103 14.53 -18.08 11.52
N PRO A 104 15.06 -16.87 11.38
CA PRO A 104 16.12 -16.45 12.29
C PRO A 104 15.70 -16.60 13.73
N THR A 105 16.51 -17.28 14.53
CA THR A 105 16.18 -17.59 15.90
C THR A 105 17.41 -17.44 16.77
N ALA A 106 17.29 -16.66 17.84
CA ALA A 106 18.40 -16.40 18.73
C ALA A 106 18.19 -17.20 20.01
N TYR A 107 19.04 -18.22 20.21
CA TYR A 107 18.94 -19.01 21.42
C TYR A 107 19.27 -18.16 22.63
N HIS A 108 18.62 -18.46 23.74
CA HIS A 108 18.72 -17.61 24.91
C HIS A 108 20.15 -17.56 25.44
N LYS A 109 20.69 -16.35 25.54
CA LYS A 109 21.99 -16.12 26.13
C LYS A 109 21.87 -14.89 27.00
N ALA A 110 22.08 -15.04 28.30
CA ALA A 110 21.89 -13.94 29.24
C ALA A 110 22.91 -12.84 29.00
N PRO A 111 22.61 -11.61 29.44
CA PRO A 111 21.37 -11.09 30.03
C PRO A 111 20.24 -10.87 29.03
N LEU A 112 20.60 -10.58 27.78
CA LEU A 112 19.63 -10.21 26.76
C LEU A 112 20.22 -10.55 25.41
N THR A 113 19.52 -10.12 24.36
CA THR A 113 19.91 -10.44 23.00
C THR A 113 19.69 -9.25 22.09
N ARG A 114 20.73 -8.85 21.36
CA ARG A 114 20.69 -7.72 20.45
C ARG A 114 20.80 -8.21 19.02
N LEU A 115 19.91 -7.74 18.14
CA LEU A 115 19.93 -8.07 16.73
C LEU A 115 19.98 -6.80 15.91
N ALA A 116 20.35 -6.94 14.63
CA ALA A 116 20.28 -5.84 13.68
C ALA A 116 19.40 -6.28 12.53
N LEU A 117 18.40 -5.48 12.21
CA LEU A 117 17.45 -5.94 11.24
C LEU A 117 17.35 -4.98 10.06
N PRO A 118 17.25 -5.50 8.85
CA PRO A 118 17.12 -4.63 7.67
C PRO A 118 15.72 -4.06 7.53
N TYR A 119 15.62 -3.06 6.66
CA TYR A 119 14.33 -2.51 6.33
C TYR A 119 13.63 -3.45 5.37
N THR A 120 12.59 -4.11 5.85
CA THR A 120 11.96 -5.21 5.12
C THR A 120 10.65 -4.85 4.45
N ALA A 121 10.15 -3.63 4.59
CA ALA A 121 8.84 -3.30 4.07
C ALA A 121 8.89 -3.14 2.55
N PRO A 122 7.78 -3.44 1.85
CA PRO A 122 7.75 -3.24 0.40
C PRO A 122 7.73 -1.79 -0.02
N HIS A 123 7.16 -0.91 0.77
CA HIS A 123 7.02 0.49 0.41
C HIS A 123 8.37 1.18 0.43
N ARG A 124 8.57 2.07 -0.54
CA ARG A 124 9.85 2.74 -0.64
C ARG A 124 10.21 3.51 0.62
N VAL A 125 9.22 4.09 1.30
CA VAL A 125 9.45 4.77 2.56
C VAL A 125 8.17 4.69 3.38
N LEU A 126 8.32 4.51 4.68
CA LEU A 126 7.17 4.34 5.56
C LEU A 126 6.61 5.69 5.95
N ALA A 127 5.53 5.66 6.74
CA ALA A 127 4.83 6.87 7.09
C ALA A 127 4.34 6.81 8.53
N THR A 128 4.43 7.94 9.22
CA THR A 128 3.87 8.09 10.56
C THR A 128 2.38 8.39 10.55
N VAL A 129 1.87 9.05 9.53
CA VAL A 129 0.45 9.39 9.46
C VAL A 129 -0.06 8.98 8.10
N TYR A 130 -1.20 8.30 8.07
CA TYR A 130 -1.70 7.78 6.81
C TYR A 130 -3.16 8.20 6.67
N ASN A 131 -3.52 8.71 5.49
CA ASN A 131 -4.88 9.16 5.22
C ASN A 131 -5.61 8.09 4.43
N GLY A 132 -6.55 7.44 5.08
CA GLY A 132 -7.34 6.38 4.47
C GLY A 132 -8.52 5.97 5.31
N ARG A 157 -6.15 7.22 11.65
CA ARG A 157 -6.25 6.51 12.93
C ARG A 157 -5.56 5.14 12.83
N PRO A 158 -6.03 4.22 11.94
CA PRO A 158 -5.27 2.99 11.72
C PRO A 158 -4.12 3.18 10.75
N LEU A 159 -3.07 2.39 10.88
CA LEU A 159 -2.14 2.48 9.76
C LEU A 159 -2.07 1.16 9.04
N PRO A 160 -1.86 1.19 7.72
CA PRO A 160 -1.92 -0.03 6.92
C PRO A 160 -1.04 -1.12 7.48
N THR A 161 -1.50 -2.37 7.34
CA THR A 161 -0.79 -3.51 7.90
C THR A 161 0.59 -3.66 7.28
N SER A 162 0.81 -3.13 6.09
CA SER A 162 2.11 -3.30 5.45
C SER A 162 3.20 -2.48 6.11
N PHE A 163 2.88 -1.60 7.07
CA PHE A 163 3.93 -0.85 7.76
C PHE A 163 4.31 -1.65 9.00
N ASN A 164 5.49 -2.26 8.94
CA ASN A 164 6.07 -3.02 10.03
C ASN A 164 7.38 -3.62 9.55
N TYR A 165 8.23 -3.98 10.51
CA TYR A 165 9.48 -4.66 10.24
C TYR A 165 9.38 -6.17 10.45
N GLY A 166 8.17 -6.66 10.69
CA GLY A 166 8.00 -8.05 11.02
C GLY A 166 7.69 -8.21 12.49
N ALA A 167 7.72 -9.46 12.94
CA ALA A 167 7.36 -9.72 14.33
C ALA A 167 8.40 -10.63 14.94
N ILE A 168 8.34 -10.72 16.27
CA ILE A 168 9.21 -11.60 17.05
C ILE A 168 8.36 -12.35 18.05
N LYS A 169 8.75 -13.58 18.32
CA LYS A 169 8.04 -14.42 19.26
C LYS A 169 9.04 -15.10 20.18
N ALA A 170 8.64 -15.29 21.42
CA ALA A 170 9.42 -16.01 22.41
C ALA A 170 8.46 -16.56 23.44
N THR A 171 8.95 -17.49 24.26
CA THR A 171 8.11 -18.01 25.34
C THR A 171 7.54 -16.88 26.16
N ARG A 172 8.37 -15.92 26.57
CA ARG A 172 7.88 -14.64 27.04
C ARG A 172 8.99 -13.62 26.85
N VAL A 173 8.62 -12.37 26.56
CA VAL A 173 9.58 -11.28 26.39
C VAL A 173 9.39 -10.28 27.51
N THR A 174 10.45 -10.07 28.29
CA THR A 174 10.39 -9.15 29.41
C THR A 174 10.56 -7.69 29.01
N GLU A 175 11.51 -7.39 28.12
CA GLU A 175 11.70 -6.02 27.67
C GLU A 175 11.97 -5.99 26.18
N LEU A 176 11.71 -4.85 25.56
CA LEU A 176 11.88 -4.68 24.12
C LEU A 176 12.37 -3.26 23.87
N LEU A 177 13.34 -3.11 22.97
CA LEU A 177 13.88 -1.81 22.65
C LEU A 177 13.99 -1.66 21.14
N TYR A 178 13.87 -0.43 20.66
CA TYR A 178 14.06 -0.12 19.26
C TYR A 178 15.18 0.89 19.11
N ARG A 179 16.03 0.67 18.12
CA ARG A 179 17.07 1.62 17.77
C ARG A 179 17.08 1.78 16.27
N MET A 180 16.85 3.00 15.80
CA MET A 180 16.80 3.28 14.38
C MET A 180 18.20 3.53 13.84
N LYS A 181 18.48 3.07 12.64
CA LYS A 181 19.76 3.29 11.99
C LYS A 181 19.54 3.91 10.63
N ARG A 182 20.40 4.88 10.29
CA ARG A 182 20.37 5.53 8.97
C ARG A 182 19.08 6.30 8.76
N ALA A 183 18.54 6.85 9.84
CA ALA A 183 17.22 7.46 9.78
C ALA A 183 17.17 8.58 8.75
N GLU A 184 16.04 8.68 8.06
CA GLU A 184 15.79 9.70 7.05
C GLU A 184 14.34 10.16 7.21
N THR A 185 14.13 11.46 7.21
CA THR A 185 12.81 12.02 7.49
C THR A 185 12.40 12.99 6.41
N TYR A 186 11.10 13.16 6.22
CA TYR A 186 10.54 13.91 5.12
C TYR A 186 9.28 14.62 5.58
N CYS A 187 9.04 15.82 5.05
CA CYS A 187 7.79 16.54 5.28
C CYS A 187 7.46 16.69 6.76
N PRO A 188 8.12 17.61 7.46
CA PRO A 188 7.94 17.72 8.91
C PRO A 188 6.51 18.05 9.31
N ARG A 189 6.19 17.80 10.57
CA ARG A 189 4.88 17.94 11.16
C ARG A 189 5.02 18.60 12.52
N PRO A 190 3.91 19.08 13.09
CA PRO A 190 3.98 19.77 14.39
C PRO A 190 4.67 18.95 15.47
N LEU A 191 5.42 19.64 16.33
CA LEU A 191 6.06 19.07 17.51
C LEU A 191 5.67 19.95 18.69
N LEU A 192 5.00 19.37 19.67
CA LEU A 192 4.39 20.15 20.74
C LEU A 192 5.15 19.98 22.04
N ALA A 193 5.20 21.05 22.83
CA ALA A 193 5.76 20.99 24.16
C ALA A 193 4.64 20.99 25.20
N VAL A 194 5.01 20.90 26.47
CA VAL A 194 4.02 20.92 27.55
C VAL A 194 3.57 22.35 27.78
N HIS A 195 2.26 22.53 27.93
CA HIS A 195 1.67 23.86 28.01
C HIS A 195 1.60 24.29 29.47
N PRO A 196 2.37 25.28 29.90
CA PRO A 196 2.38 25.66 31.31
C PRO A 196 1.08 26.31 31.72
N SER A 197 0.72 26.15 32.99
CA SER A 197 -0.36 26.93 33.57
C SER A 197 0.10 28.33 33.96
N ALA A 198 1.25 28.44 34.60
CA ALA A 198 1.81 29.73 34.97
C ALA A 198 2.55 30.33 33.77
N ALA A 199 3.30 31.41 34.00
CA ALA A 199 4.00 32.05 32.90
C ALA A 199 5.15 31.20 32.38
N ARG A 200 5.69 30.30 33.19
CA ARG A 200 6.78 29.45 32.77
C ARG A 200 6.45 28.01 33.13
N HIS A 201 7.24 27.09 32.61
CA HIS A 201 7.16 25.69 33.00
C HIS A 201 8.33 25.42 33.93
N LYS A 202 8.05 25.29 35.23
CA LYS A 202 9.12 25.15 36.21
C LYS A 202 9.25 23.71 36.67
N GLN A 203 10.43 23.15 36.43
CA GLN A 203 10.77 21.79 36.83
C GLN A 203 11.94 21.83 37.79
N LYS A 204 12.08 20.76 38.57
CA LYS A 204 13.22 20.65 39.45
C LYS A 204 14.42 20.14 38.67
N ILE A 205 15.46 20.94 38.60
CA ILE A 205 16.64 20.62 37.82
C ILE A 205 17.69 20.02 38.74
N VAL A 206 18.45 19.06 38.24
CA VAL A 206 19.48 18.38 39.00
C VAL A 206 20.44 19.41 39.59
N ALA A 207 20.63 19.34 40.91
CA ALA A 207 21.50 20.27 41.61
C ALA A 207 22.15 19.53 42.77
N PRO A 208 23.37 19.91 43.17
CA PRO A 208 24.09 19.23 44.24
C PRO A 208 23.58 19.59 45.64
N ARG B 1 2.02 44.24 -9.25
CA ARG B 1 2.33 42.84 -9.05
C ARG B 1 1.34 41.96 -9.79
N ILE B 2 1.49 41.88 -11.10
CA ILE B 2 0.56 41.15 -11.96
C ILE B 2 1.14 39.79 -12.27
N LEU B 3 0.32 38.76 -12.17
CA LEU B 3 0.75 37.39 -12.40
C LEU B 3 -0.32 36.65 -13.19
N THR B 4 0.09 35.98 -14.25
CA THR B 4 -0.81 35.23 -15.11
C THR B 4 -0.40 33.77 -15.10
N THR B 5 -1.32 32.90 -14.69
CA THR B 5 -1.08 31.47 -14.63
C THR B 5 -1.89 30.77 -15.70
N ARG B 6 -1.21 30.03 -16.57
CA ARG B 6 -1.87 29.28 -17.63
C ARG B 6 -1.64 27.79 -17.42
N ASN B 7 -2.73 27.05 -17.33
CA ASN B 7 -2.68 25.58 -17.34
C ASN B 7 -3.61 25.13 -18.45
N GLY B 8 -3.09 24.30 -19.35
CA GLY B 8 -3.88 23.88 -20.50
C GLY B 8 -4.33 25.09 -21.29
N HIS B 9 -5.62 25.16 -21.55
CA HIS B 9 -6.22 26.30 -22.24
C HIS B 9 -6.85 27.28 -21.26
N THR B 10 -6.71 27.04 -19.96
CA THR B 10 -7.32 27.88 -18.95
C THR B 10 -6.28 28.77 -18.30
N THR B 11 -6.69 29.96 -17.87
CA THR B 11 -5.79 30.93 -17.27
C THR B 11 -6.40 31.55 -16.03
N SER B 12 -5.57 32.28 -15.29
CA SER B 12 -6.01 33.10 -14.17
C SER B 12 -5.09 34.30 -14.05
N THR B 13 -5.63 35.45 -13.68
CA THR B 13 -4.86 36.68 -13.60
C THR B 13 -5.14 37.37 -12.28
N THR B 14 -4.08 37.84 -11.62
CA THR B 14 -4.20 38.47 -10.33
C THR B 14 -3.35 39.73 -10.26
N GLN B 15 -3.98 40.87 -10.05
CA GLN B 15 -3.25 42.13 -9.95
C GLN B 15 -2.65 42.37 -8.58
N SER B 16 -3.17 41.74 -7.53
CA SER B 16 -2.55 41.79 -6.22
C SER B 16 -2.10 40.40 -5.81
N SER B 17 -0.80 40.17 -5.88
CA SER B 17 -0.25 38.83 -5.69
C SER B 17 1.13 38.91 -5.07
N VAL B 18 1.42 37.98 -4.17
CA VAL B 18 2.69 37.97 -3.47
C VAL B 18 3.65 36.97 -4.10
N GLY B 19 3.22 36.27 -5.14
CA GLY B 19 4.04 35.28 -5.79
C GLY B 19 3.61 33.87 -5.46
N ILE B 20 4.44 32.93 -5.88
CA ILE B 20 4.14 31.50 -5.81
C ILE B 20 4.98 30.88 -4.70
N THR B 21 4.43 29.87 -4.03
CA THR B 21 5.16 29.12 -3.02
C THR B 21 5.28 27.68 -3.46
N HIS B 22 6.50 27.22 -3.69
CA HIS B 22 6.76 25.87 -4.17
C HIS B 22 7.00 24.96 -2.99
N GLY B 23 6.07 24.05 -2.73
CA GLY B 23 6.18 23.11 -1.62
C GLY B 23 7.13 21.96 -1.89
N TYR B 24 8.04 21.73 -0.94
CA TYR B 24 8.75 20.46 -0.79
C TYR B 24 9.66 20.09 -1.97
N ALA B 25 9.51 20.76 -3.10
CA ALA B 25 10.38 20.55 -4.25
C ALA B 25 9.95 21.49 -5.36
N THR B 26 10.89 21.76 -6.26
CA THR B 26 10.61 22.58 -7.43
C THR B 26 10.06 21.78 -8.60
N ALA B 27 10.32 20.47 -8.66
CA ALA B 27 9.91 19.68 -9.80
C ALA B 27 9.71 18.23 -9.38
N GLU B 28 8.87 17.55 -10.15
CA GLU B 28 8.44 16.20 -9.84
C GLU B 28 9.64 15.25 -9.80
N ASP B 29 9.51 14.20 -8.99
CA ASP B 29 10.50 13.14 -8.94
C ASP B 29 10.35 12.24 -10.17
N PHE B 30 11.06 11.12 -10.16
CA PHE B 30 10.99 10.18 -11.28
C PHE B 30 9.58 9.64 -11.45
N VAL B 31 9.04 9.78 -12.66
CA VAL B 31 7.72 9.28 -12.97
C VAL B 31 7.70 7.79 -13.29
N ASN B 32 8.67 7.30 -14.05
CA ASN B 32 8.64 5.93 -14.57
C ASN B 32 9.36 5.05 -13.56
N GLY B 33 8.60 4.19 -12.89
CA GLY B 33 9.15 3.35 -11.87
C GLY B 33 9.27 1.91 -12.29
N PRO B 34 9.88 1.09 -11.43
CA PRO B 34 9.92 -0.34 -11.69
C PRO B 34 8.59 -1.03 -11.47
N ASN B 35 7.67 -0.41 -10.73
CA ASN B 35 6.45 -1.10 -10.33
C ASN B 35 5.40 -1.15 -11.41
N THR B 36 5.43 -0.24 -12.38
CA THR B 36 4.43 -0.20 -13.44
C THR B 36 4.86 -0.88 -14.74
N SER B 37 6.09 -1.38 -14.81
CA SER B 37 6.60 -2.04 -16.00
C SER B 37 6.56 -1.13 -17.22
N GLY B 38 6.59 0.18 -16.99
CA GLY B 38 6.60 1.11 -18.09
C GLY B 38 5.29 1.24 -18.83
N LEU B 39 4.19 0.81 -18.24
CA LEU B 39 2.87 0.94 -18.85
C LEU B 39 2.16 2.23 -18.50
N GLU B 40 2.82 3.12 -17.78
CA GLU B 40 2.22 4.40 -17.45
C GLU B 40 2.23 5.34 -18.64
N THR B 41 1.29 6.27 -18.65
CA THR B 41 1.18 7.27 -19.70
C THR B 41 0.78 8.60 -19.07
N ARG B 42 1.16 9.68 -19.74
CA ARG B 42 0.80 11.01 -19.30
C ARG B 42 -0.45 11.48 -20.03
N VAL B 43 -1.37 12.06 -19.28
CA VAL B 43 -2.63 12.55 -19.81
C VAL B 43 -2.51 14.07 -19.90
N VAL B 44 -2.46 14.59 -21.12
CA VAL B 44 -2.22 16.02 -21.26
C VAL B 44 -3.50 16.81 -21.01
N GLN B 45 -4.62 16.32 -21.52
CA GLN B 45 -5.85 17.10 -21.48
C GLN B 45 -6.42 17.24 -20.07
N ALA B 46 -5.88 16.51 -19.11
CA ALA B 46 -6.41 16.56 -17.76
C ALA B 46 -5.92 17.74 -16.95
N GLU B 47 -4.90 18.45 -17.43
CA GLU B 47 -4.27 19.50 -16.63
C GLU B 47 -4.96 20.81 -16.97
N ARG B 48 -5.73 21.31 -16.01
CA ARG B 48 -6.44 22.57 -16.16
C ARG B 48 -7.20 22.86 -14.87
N PHE B 49 -7.58 24.12 -14.71
CA PHE B 49 -8.19 24.56 -13.47
C PHE B 49 -9.58 23.96 -13.28
N PHE B 50 -10.03 23.97 -12.04
CA PHE B 50 -11.43 23.79 -11.70
C PHE B 50 -11.71 24.52 -10.41
N LYS B 51 -12.94 25.00 -10.27
CA LYS B 51 -13.27 25.93 -9.21
C LYS B 51 -14.23 25.30 -8.21
N THR B 52 -14.05 25.66 -6.95
CA THR B 52 -14.90 25.14 -5.89
C THR B 52 -15.03 26.17 -4.80
N HIS B 53 -16.14 26.11 -4.07
CA HIS B 53 -16.38 27.00 -2.95
C HIS B 53 -15.80 26.40 -1.69
N LEU B 54 -15.30 27.25 -0.80
CA LEU B 54 -14.79 26.78 0.48
C LEU B 54 -15.74 27.11 1.61
N PHE B 55 -15.82 28.37 2.00
CA PHE B 55 -16.74 28.77 3.05
C PHE B 55 -16.94 30.28 2.96
N ASP B 56 -17.64 30.82 3.95
CA ASP B 56 -17.86 32.26 4.07
C ASP B 56 -17.17 32.73 5.34
N TRP B 57 -16.24 33.66 5.19
CA TRP B 57 -15.44 34.07 6.34
C TRP B 57 -16.03 35.34 6.93
N VAL B 58 -16.55 35.22 8.14
CA VAL B 58 -17.32 36.28 8.78
C VAL B 58 -16.67 36.63 10.11
N THR B 59 -17.06 37.78 10.64
CA THR B 59 -16.48 38.29 11.87
C THR B 59 -16.62 37.33 13.03
N SER B 60 -17.71 36.57 13.09
CA SER B 60 -17.96 35.67 14.20
C SER B 60 -16.94 34.55 14.29
N ASP B 61 -16.30 34.19 13.19
CA ASP B 61 -15.31 33.12 13.24
C ASP B 61 -14.14 33.52 14.12
N PRO B 62 -13.84 32.77 15.16
CA PRO B 62 -12.71 33.12 16.01
C PRO B 62 -11.41 32.62 15.40
N PHE B 63 -10.31 32.78 16.12
CA PHE B 63 -9.10 32.07 15.75
C PHE B 63 -9.34 30.57 15.84
N GLY B 64 -8.73 29.83 14.93
CA GLY B 64 -8.83 28.39 14.94
C GLY B 64 -9.85 27.83 13.98
N ARG B 65 -10.76 28.64 13.45
CA ARG B 65 -11.66 28.18 12.41
C ARG B 65 -10.85 27.64 11.25
N TYR B 66 -11.12 26.40 10.88
CA TYR B 66 -10.32 25.74 9.85
C TYR B 66 -11.26 24.99 8.91
N TYR B 67 -10.84 24.85 7.67
CA TYR B 67 -11.60 24.13 6.68
C TYR B 67 -10.71 23.16 5.94
N LEU B 68 -10.99 21.86 6.09
CA LEU B 68 -10.30 20.81 5.37
C LEU B 68 -10.92 20.66 3.99
N LEU B 69 -10.08 20.47 2.98
CA LEU B 69 -10.51 20.05 1.66
C LEU B 69 -9.54 18.99 1.17
N GLU B 70 -10.05 17.79 0.92
CA GLU B 70 -9.16 16.69 0.55
C GLU B 70 -9.08 16.57 -0.96
N LEU B 71 -7.88 16.26 -1.44
CA LEU B 71 -7.62 16.20 -2.87
C LEU B 71 -7.08 14.83 -3.23
N PRO B 72 -7.50 14.29 -4.38
CA PRO B 72 -8.48 14.85 -5.30
C PRO B 72 -9.89 14.80 -4.76
N THR B 73 -10.76 15.63 -5.32
CA THR B 73 -12.16 15.69 -4.93
C THR B 73 -13.03 15.20 -6.07
N ASP B 74 -14.34 15.24 -5.86
CA ASP B 74 -15.26 14.85 -6.91
C ASP B 74 -15.16 15.83 -8.07
N HIS B 75 -14.88 15.29 -9.26
CA HIS B 75 -14.51 16.10 -10.41
C HIS B 75 -15.29 15.58 -11.59
N LYS B 76 -16.05 16.45 -12.25
CA LYS B 76 -16.90 16.03 -13.34
C LYS B 76 -16.28 16.25 -14.71
N GLY B 77 -15.05 16.77 -14.78
CA GLY B 77 -14.37 16.99 -16.02
C GLY B 77 -13.65 15.75 -16.51
N VAL B 78 -12.59 15.98 -17.28
CA VAL B 78 -11.79 14.84 -17.73
C VAL B 78 -11.07 14.21 -16.56
N TYR B 79 -10.58 15.02 -15.62
CA TYR B 79 -9.79 14.48 -14.52
C TYR B 79 -10.62 13.52 -13.68
N GLY B 80 -11.91 13.76 -13.58
CA GLY B 80 -12.75 12.84 -12.83
C GLY B 80 -12.89 11.51 -13.51
N SER B 81 -13.09 11.51 -14.83
CA SER B 81 -13.27 10.26 -15.54
C SER B 81 -12.05 9.37 -15.44
N LEU B 82 -10.84 9.95 -15.48
CA LEU B 82 -9.63 9.17 -15.34
C LEU B 82 -9.68 8.29 -14.11
N THR B 83 -10.02 8.86 -12.96
CA THR B 83 -10.08 8.10 -11.73
C THR B 83 -10.93 6.85 -11.85
N ASP B 84 -11.93 6.85 -12.72
CA ASP B 84 -12.73 5.66 -12.97
C ASP B 84 -12.19 4.77 -14.07
N SER B 85 -11.31 5.28 -14.94
CA SER B 85 -10.78 4.45 -16.02
C SER B 85 -9.39 3.91 -15.76
N TYR B 86 -8.74 4.27 -14.66
CA TYR B 86 -7.37 3.87 -14.41
C TYR B 86 -7.16 3.57 -12.94
N ALA B 87 -6.54 2.44 -12.65
CA ALA B 87 -6.45 1.96 -11.27
C ALA B 87 -5.29 2.58 -10.52
N TYR B 88 -4.40 3.28 -11.21
CA TYR B 88 -3.24 3.88 -10.57
C TYR B 88 -3.00 5.25 -11.17
N MET B 89 -2.83 6.26 -10.32
CA MET B 89 -2.62 7.61 -10.81
C MET B 89 -1.59 8.31 -9.93
N ARG B 90 -1.06 9.40 -10.46
CA ARG B 90 -0.27 10.33 -9.67
C ARG B 90 -0.36 11.69 -10.32
N ASN B 91 -0.08 12.73 -9.55
CA ASN B 91 -0.14 14.09 -10.04
C ASN B 91 0.29 15.05 -8.94
N GLY B 92 0.74 16.23 -9.36
CA GLY B 92 0.99 17.32 -8.46
C GLY B 92 -0.15 18.31 -8.48
N TRP B 93 -0.20 19.16 -7.46
CA TRP B 93 -1.28 20.10 -7.33
C TRP B 93 -0.75 21.51 -7.44
N ASP B 94 -1.43 22.33 -8.24
CA ASP B 94 -1.22 23.76 -8.31
C ASP B 94 -2.48 24.41 -7.76
N VAL B 95 -2.40 24.99 -6.57
CA VAL B 95 -3.57 25.43 -5.82
C VAL B 95 -3.57 26.95 -5.76
N GLU B 96 -4.75 27.53 -5.87
CA GLU B 96 -4.92 28.97 -5.76
C GLU B 96 -6.21 29.25 -5.01
N VAL B 97 -6.15 30.13 -4.01
CA VAL B 97 -7.28 30.46 -3.17
C VAL B 97 -7.50 31.96 -3.20
N THR B 98 -8.76 32.38 -3.25
CA THR B 98 -9.13 33.76 -3.50
C THR B 98 -10.21 34.19 -2.52
N ALA B 99 -9.91 35.22 -1.72
CA ALA B 99 -10.89 35.79 -0.80
C ALA B 99 -10.87 37.31 -1.03
N VAL B 100 -11.98 37.84 -1.55
CA VAL B 100 -12.03 39.24 -1.96
C VAL B 100 -12.97 40.02 -1.05
N GLY B 101 -12.39 40.85 -0.21
CA GLY B 101 -13.11 41.94 0.43
C GLY B 101 -12.61 43.20 -0.25
N ASN B 102 -12.60 44.32 0.44
CA ASN B 102 -11.85 45.46 -0.08
C ASN B 102 -10.67 45.66 0.85
N GLN B 103 -9.82 46.63 0.53
CA GLN B 103 -8.60 46.84 1.30
C GLN B 103 -8.87 47.39 2.69
N PHE B 104 -10.12 47.71 3.03
CA PHE B 104 -10.44 48.21 4.36
C PHE B 104 -10.87 47.11 5.33
N ASN B 105 -10.99 45.87 4.87
CA ASN B 105 -11.20 44.75 5.76
C ASN B 105 -9.92 44.41 6.50
N GLY B 106 -10.06 43.65 7.58
CA GLY B 106 -8.94 43.29 8.41
C GLY B 106 -9.10 41.88 8.93
N GLY B 107 -8.01 41.35 9.47
CA GLY B 107 -7.89 39.94 9.73
C GLY B 107 -7.00 39.28 8.71
N CYS B 108 -6.74 37.99 8.92
CA CYS B 108 -5.78 37.32 8.08
C CYS B 108 -6.15 35.84 8.00
N LEU B 109 -5.75 35.21 6.90
CA LEU B 109 -5.97 33.78 6.69
C LEU B 109 -4.65 33.09 6.40
N LEU B 110 -4.60 31.81 6.73
CA LEU B 110 -3.45 30.97 6.45
C LEU B 110 -3.91 29.74 5.69
N VAL B 111 -3.46 29.59 4.45
CA VAL B 111 -3.80 28.44 3.63
C VAL B 111 -2.57 27.56 3.54
N ALA B 112 -2.77 26.25 3.58
CA ALA B 112 -1.65 25.33 3.57
C ALA B 112 -2.05 24.02 2.90
N MET B 113 -1.08 23.41 2.24
CA MET B 113 -1.25 22.08 1.67
C MET B 113 -0.57 21.10 2.61
N VAL B 114 -1.37 20.31 3.32
CA VAL B 114 -0.89 19.45 4.40
C VAL B 114 -0.97 18.02 3.91
N PRO B 115 0.15 17.35 3.69
CA PRO B 115 0.12 15.95 3.29
C PRO B 115 -0.27 15.06 4.45
N GLU B 116 -1.12 14.08 4.15
CA GLU B 116 -1.57 13.12 5.15
C GLU B 116 -2.15 13.84 6.35
N LEU B 117 -3.30 14.48 6.16
CA LEU B 117 -3.92 15.23 7.25
C LEU B 117 -4.98 14.36 7.90
N CYS B 118 -4.72 13.94 9.13
CA CYS B 118 -5.72 13.24 9.92
C CYS B 118 -5.76 13.84 11.33
N SER B 119 -6.92 14.43 11.64
CA SER B 119 -7.25 14.90 12.98
C SER B 119 -6.11 15.68 13.63
N ILE B 120 -5.79 16.84 13.08
CA ILE B 120 -4.78 17.72 13.64
C ILE B 120 -5.31 18.32 14.94
N GLU B 121 -4.46 18.36 15.96
CA GLU B 121 -4.88 18.85 17.25
C GLU B 121 -4.97 20.37 17.27
N GLN B 122 -5.81 20.89 18.16
CA GLN B 122 -6.01 22.32 18.27
C GLN B 122 -4.69 23.05 18.53
N ARG B 123 -3.93 22.60 19.52
CA ARG B 123 -2.62 23.21 19.74
C ARG B 123 -1.71 23.05 18.53
N GLU B 124 -1.84 21.95 17.80
CA GLU B 124 -0.98 21.72 16.65
C GLU B 124 -1.13 22.79 15.59
N LEU B 125 -2.17 23.62 15.67
CA LEU B 125 -2.39 24.63 14.64
C LEU B 125 -1.39 25.77 14.76
N PHE B 126 -0.89 26.04 15.96
CA PHE B 126 0.12 27.08 16.10
C PHE B 126 1.36 26.80 15.28
N GLN B 127 1.66 25.54 15.02
CA GLN B 127 2.83 25.17 14.22
C GLN B 127 2.46 24.89 12.77
N LEU B 128 1.21 25.15 12.39
CA LEU B 128 0.75 24.80 11.05
C LEU B 128 1.57 25.45 9.95
N THR B 129 2.34 26.49 10.26
CA THR B 129 3.18 27.11 9.25
C THR B 129 4.26 26.19 8.71
N LEU B 130 4.50 25.04 9.34
CA LEU B 130 5.54 24.14 8.85
C LEU B 130 5.25 23.64 7.44
N PHE B 131 4.02 23.57 7.06
CA PHE B 131 3.66 23.11 5.74
C PHE B 131 3.68 24.27 4.77
N PRO B 132 3.73 24.01 3.46
CA PRO B 132 3.72 25.11 2.49
C PRO B 132 2.52 25.99 2.71
N HIS B 133 2.70 27.30 2.58
CA HIS B 133 1.59 28.18 2.90
C HIS B 133 1.81 29.55 2.27
N GLN B 134 0.78 30.38 2.39
CA GLN B 134 0.86 31.82 2.20
C GLN B 134 -0.25 32.45 3.05
N PHE B 135 0.01 33.65 3.53
CA PHE B 135 -0.99 34.41 4.25
C PHE B 135 -1.82 35.22 3.28
N ILE B 136 -3.13 35.25 3.52
CA ILE B 136 -4.02 36.16 2.83
C ILE B 136 -4.33 37.28 3.80
N ASN B 137 -3.76 38.45 3.53
CA ASN B 137 -3.97 39.63 4.37
C ASN B 137 -4.70 40.67 3.54
N PRO B 138 -5.98 40.92 3.78
CA PRO B 138 -6.76 41.80 2.91
C PRO B 138 -6.15 43.17 2.76
N ARG B 139 -5.31 43.55 3.72
CA ARG B 139 -4.52 44.75 3.57
C ARG B 139 -3.68 44.72 2.31
N THR B 140 -3.24 43.55 1.87
CA THR B 140 -2.30 43.43 0.78
C THR B 140 -2.81 42.58 -0.39
N ASN B 141 -2.94 41.27 -0.19
CA ASN B 141 -3.23 40.39 -1.31
C ASN B 141 -4.61 39.77 -1.15
N MET B 142 -5.26 39.56 -2.28
CA MET B 142 -6.52 38.83 -2.33
C MET B 142 -6.35 37.37 -2.68
N THR B 143 -5.12 36.92 -2.92
CA THR B 143 -4.87 35.64 -3.57
C THR B 143 -3.70 34.94 -2.91
N ALA B 144 -3.85 33.64 -2.70
CA ALA B 144 -2.77 32.77 -2.26
C ALA B 144 -2.59 31.67 -3.29
N HIS B 145 -1.33 31.33 -3.58
CA HIS B 145 -1.00 30.45 -4.69
C HIS B 145 0.10 29.51 -4.25
N ILE B 146 -0.11 28.21 -4.43
CA ILE B 146 0.78 27.18 -3.91
C ILE B 146 0.95 26.09 -4.94
N LYS B 147 2.17 25.60 -5.09
CA LYS B 147 2.47 24.48 -5.98
C LYS B 147 3.20 23.41 -5.21
N VAL B 148 2.71 22.18 -5.27
CA VAL B 148 3.28 21.08 -4.50
C VAL B 148 3.33 19.81 -5.36
N PRO B 149 4.32 18.95 -5.18
CA PRO B 149 4.42 17.75 -6.01
C PRO B 149 3.58 16.61 -5.48
N PHE B 150 3.72 15.43 -6.08
CA PHE B 150 3.05 14.25 -5.57
C PHE B 150 3.89 13.58 -4.50
N VAL B 151 3.29 13.36 -3.35
CA VAL B 151 3.96 12.68 -2.25
C VAL B 151 3.16 11.44 -1.87
N GLY B 152 3.87 10.44 -1.41
CA GLY B 152 3.22 9.23 -0.94
C GLY B 152 4.22 8.11 -0.75
N VAL B 153 3.79 7.07 -0.04
CA VAL B 153 4.66 5.93 0.20
C VAL B 153 4.73 5.04 -1.01
N ASN B 154 3.94 5.32 -2.03
CA ASN B 154 3.97 4.59 -3.28
C ASN B 154 4.28 5.56 -4.40
N ARG B 155 4.80 5.04 -5.51
CA ARG B 155 5.12 5.92 -6.62
C ARG B 155 3.87 6.29 -7.40
N TYR B 156 2.91 5.37 -7.49
CA TYR B 156 1.57 5.65 -7.97
C TYR B 156 0.58 5.35 -6.85
N ASP B 157 -0.47 6.13 -6.76
CA ASP B 157 -1.44 5.96 -5.70
C ASP B 157 -2.80 5.67 -6.29
N GLN B 158 -3.66 5.08 -5.47
CA GLN B 158 -5.03 4.75 -5.85
C GLN B 158 -5.92 5.74 -5.12
N TYR B 159 -6.48 6.69 -5.86
CA TYR B 159 -7.17 7.79 -5.20
C TYR B 159 -8.50 7.39 -4.58
N LYS B 160 -8.96 6.17 -4.80
CA LYS B 160 -10.17 5.73 -4.11
C LYS B 160 -9.92 5.57 -2.63
N VAL B 161 -8.87 4.85 -2.24
CA VAL B 161 -8.61 4.54 -0.84
C VAL B 161 -7.61 5.47 -0.19
N HIS B 162 -7.02 6.41 -0.94
CA HIS B 162 -6.03 7.29 -0.35
C HIS B 162 -6.13 8.68 -0.98
N LYS B 163 -6.13 9.70 -0.15
CA LYS B 163 -6.04 11.09 -0.60
C LYS B 163 -4.75 11.68 -0.03
N PRO B 164 -3.71 11.87 -0.85
CA PRO B 164 -2.43 12.32 -0.29
C PRO B 164 -2.45 13.74 0.27
N TRP B 165 -3.10 14.67 -0.41
CA TRP B 165 -3.05 16.07 -0.03
C TRP B 165 -4.38 16.54 0.54
N THR B 166 -4.30 17.49 1.46
CA THR B 166 -5.48 18.09 2.06
C THR B 166 -5.26 19.60 2.14
N LEU B 167 -6.09 20.35 1.43
CA LEU B 167 -6.05 21.81 1.54
C LEU B 167 -6.75 22.25 2.79
N VAL B 168 -6.06 23.05 3.61
CA VAL B 168 -6.60 23.53 4.87
C VAL B 168 -6.46 25.05 4.92
N VAL B 169 -7.50 25.72 5.40
CA VAL B 169 -7.54 27.17 5.45
C VAL B 169 -7.95 27.57 6.86
N MET B 170 -7.09 28.31 7.54
CA MET B 170 -7.29 28.62 8.95
C MET B 170 -7.33 30.12 9.16
N VAL B 171 -8.12 30.54 10.14
CA VAL B 171 -8.27 31.95 10.46
C VAL B 171 -7.29 32.31 11.57
N VAL B 172 -6.24 33.04 11.22
CA VAL B 172 -5.26 33.47 12.22
C VAL B 172 -5.71 34.73 12.93
N ALA B 173 -6.46 35.60 12.26
CA ALA B 173 -7.02 36.78 12.90
C ALA B 173 -8.46 36.94 12.42
N PRO B 174 -9.38 37.32 13.29
CA PRO B 174 -10.79 37.40 12.87
C PRO B 174 -11.03 38.63 12.01
N LEU B 175 -12.11 38.57 11.24
CA LEU B 175 -12.42 39.64 10.29
C LEU B 175 -12.86 40.89 11.05
N THR B 176 -12.55 42.05 10.48
CA THR B 176 -13.04 43.32 10.98
C THR B 176 -13.42 44.20 9.79
N VAL B 177 -14.64 44.68 9.79
CA VAL B 177 -15.16 45.48 8.68
C VAL B 177 -14.69 46.93 8.80
N ASN B 178 -14.75 47.47 10.01
CA ASN B 178 -14.38 48.86 10.28
C ASN B 178 -15.22 49.83 9.44
N THR B 179 -16.40 49.36 9.05
CA THR B 179 -17.45 50.12 8.39
C THR B 179 -17.14 50.45 6.94
N GLU B 180 -15.87 50.39 6.54
CA GLU B 180 -15.51 50.59 5.15
C GLU B 180 -15.23 49.29 4.40
N GLY B 181 -15.27 48.16 5.04
CA GLY B 181 -14.93 46.93 4.37
C GLY B 181 -16.14 46.14 3.94
N ALA B 182 -15.88 45.03 3.27
CA ALA B 182 -16.96 44.14 2.92
C ALA B 182 -17.56 43.52 4.18
N PRO B 183 -18.87 43.38 4.26
CA PRO B 183 -19.47 42.78 5.47
C PRO B 183 -19.01 41.36 5.72
N GLN B 184 -18.85 40.55 4.67
CA GLN B 184 -18.27 39.22 4.82
C GLN B 184 -17.49 38.92 3.56
N ILE B 185 -16.61 37.93 3.65
CA ILE B 185 -15.72 37.57 2.55
C ILE B 185 -15.96 36.11 2.22
N LYS B 186 -16.18 35.82 0.94
CA LYS B 186 -16.34 34.45 0.50
C LYS B 186 -15.03 33.92 -0.03
N VAL B 187 -14.74 32.66 0.25
CA VAL B 187 -13.45 32.06 -0.10
C VAL B 187 -13.68 31.00 -1.16
N TYR B 188 -13.00 31.15 -2.29
CA TYR B 188 -13.07 30.21 -3.39
C TYR B 188 -11.69 29.66 -3.66
N ALA B 189 -11.63 28.56 -4.41
CA ALA B 189 -10.38 27.93 -4.76
C ALA B 189 -10.37 27.61 -6.23
N ASN B 190 -9.21 27.77 -6.86
CA ASN B 190 -9.02 27.47 -8.27
C ASN B 190 -7.82 26.54 -8.37
N ILE B 191 -8.07 25.29 -8.71
CA ILE B 191 -7.08 24.24 -8.54
C ILE B 191 -6.91 23.51 -9.85
N ALA B 192 -5.67 23.15 -10.18
CA ALA B 192 -5.40 22.37 -11.37
C ALA B 192 -4.45 21.23 -11.02
N PRO B 193 -4.67 20.04 -11.57
CA PRO B 193 -3.66 18.99 -11.42
C PRO B 193 -2.44 19.31 -12.26
N THR B 194 -1.32 18.68 -11.96
CA THR B 194 -0.13 18.77 -12.77
C THR B 194 0.56 17.43 -12.84
N ASN B 195 1.14 17.14 -14.00
CA ASN B 195 1.97 15.96 -14.20
C ASN B 195 1.19 14.68 -13.94
N VAL B 196 -0.07 14.67 -14.36
CA VAL B 196 -0.90 13.49 -14.19
C VAL B 196 -0.32 12.34 -14.99
N HIS B 197 -0.34 11.16 -14.40
CA HIS B 197 0.04 9.93 -15.08
C HIS B 197 -0.90 8.83 -14.64
N VAL B 198 -1.19 7.90 -15.54
CA VAL B 198 -2.17 6.86 -15.24
C VAL B 198 -1.64 5.52 -15.73
N ALA B 199 -2.23 4.45 -15.21
CA ALA B 199 -1.89 3.10 -15.63
C ALA B 199 -3.06 2.18 -15.30
N GLY B 200 -3.07 1.00 -15.92
CA GLY B 200 -4.04 0.00 -15.52
C GLY B 200 -5.49 0.26 -15.85
N GLU B 201 -5.84 0.35 -17.13
CA GLU B 201 -7.22 0.56 -17.51
C GLU B 201 -8.13 -0.47 -16.85
N PHE B 202 -9.25 -0.01 -16.33
CA PHE B 202 -10.30 -0.92 -15.91
C PHE B 202 -11.06 -1.45 -17.12
N PRO B 203 -11.89 -2.46 -16.94
CA PRO B 203 -12.92 -2.76 -17.92
C PRO B 203 -14.04 -1.73 -17.79
N SER B 204 -15.04 -1.85 -18.64
CA SER B 204 -16.16 -0.92 -18.59
C SER B 204 -17.31 -1.54 -17.80
N LYS B 205 -18.40 -0.80 -17.71
CA LYS B 205 -19.60 -1.28 -17.03
C LYS B 205 -20.42 -2.22 -17.87
N GLU B 206 -20.31 -2.15 -19.19
CA GLU B 206 -21.12 -2.97 -20.09
C GLU B 206 -20.57 -4.38 -20.22
N GLY C 1 51.72 -6.67 30.25
CA GLY C 1 50.47 -7.37 30.45
C GLY C 1 50.05 -8.15 29.22
N ILE C 2 48.74 -8.24 29.01
CA ILE C 2 48.18 -8.90 27.83
C ILE C 2 47.06 -8.04 27.28
N PHE C 3 46.79 -8.22 26.00
CA PHE C 3 45.85 -7.38 25.29
C PHE C 3 44.49 -7.42 25.97
N PRO C 4 44.01 -6.32 26.54
CA PRO C 4 42.70 -6.34 27.21
C PRO C 4 41.57 -6.34 26.20
N VAL C 5 40.38 -6.71 26.67
CA VAL C 5 39.23 -6.84 25.79
C VAL C 5 37.98 -6.70 26.64
N ALA C 6 36.85 -6.42 26.00
CA ALA C 6 35.57 -6.24 26.67
C ALA C 6 34.55 -7.19 26.08
N CYS C 7 34.06 -8.12 26.90
CA CYS C 7 33.03 -9.05 26.43
C CYS C 7 31.69 -8.32 26.45
N SER C 8 31.08 -8.17 25.30
CA SER C 8 29.92 -7.29 25.20
C SER C 8 28.63 -8.08 25.40
N ASP C 9 27.67 -7.46 26.06
CA ASP C 9 26.39 -8.09 26.29
C ASP C 9 25.53 -8.03 25.03
N GLY C 10 24.60 -8.97 24.92
CA GLY C 10 23.71 -9.03 23.78
C GLY C 10 24.37 -9.48 22.50
N TYR C 11 25.62 -9.86 22.53
CA TYR C 11 26.32 -10.41 21.38
C TYR C 11 26.68 -11.86 21.64
N GLY C 12 26.85 -12.60 20.56
CA GLY C 12 27.38 -13.94 20.62
C GLY C 12 26.35 -15.04 20.70
N GLY C 13 25.13 -14.72 21.10
CA GLY C 13 24.08 -15.72 21.06
C GLY C 13 23.93 -16.31 19.68
N LEU C 14 23.64 -17.61 19.65
CA LEU C 14 23.58 -18.31 18.37
C LEU C 14 22.39 -17.81 17.56
N VAL C 15 22.57 -17.68 16.25
CA VAL C 15 21.50 -17.29 15.34
C VAL C 15 21.45 -18.31 14.21
N THR C 16 20.26 -18.88 13.99
CA THR C 16 20.13 -19.98 13.05
C THR C 16 20.61 -19.59 11.66
N THR C 17 20.36 -18.35 11.26
CA THR C 17 20.74 -17.87 9.94
C THR C 17 22.06 -17.09 9.94
N ASP C 18 22.78 -17.04 11.06
CA ASP C 18 23.91 -16.12 11.18
C ASP C 18 24.94 -16.35 10.07
N PRO C 19 25.69 -15.32 9.71
CA PRO C 19 26.67 -15.46 8.61
C PRO C 19 28.08 -15.76 9.06
N LYS C 20 28.31 -16.88 9.74
CA LYS C 20 29.66 -17.25 10.14
C LYS C 20 29.77 -18.77 10.28
N THR C 21 31.01 -19.24 10.31
CA THR C 21 31.34 -20.63 10.06
C THR C 21 31.76 -21.35 11.32
N ALA C 22 31.49 -22.65 11.36
CA ALA C 22 31.88 -23.48 12.49
C ALA C 22 33.38 -23.75 12.48
N ASP C 23 33.89 -24.13 13.65
CA ASP C 23 35.30 -24.47 13.78
C ASP C 23 35.56 -25.89 13.29
N PRO C 24 36.44 -26.08 12.31
CA PRO C 24 36.63 -27.40 11.71
C PRO C 24 37.26 -28.38 12.68
N VAL C 25 36.61 -29.54 12.77
CA VAL C 25 37.09 -30.63 13.62
C VAL C 25 38.10 -31.54 12.94
N TYR C 26 37.80 -31.95 11.70
CA TYR C 26 38.42 -33.14 11.09
C TYR C 26 38.80 -32.77 9.66
N GLY C 27 40.09 -32.74 9.38
CA GLY C 27 40.57 -32.13 8.16
C GLY C 27 41.10 -33.10 7.11
N LYS C 28 41.56 -32.50 6.00
CA LYS C 28 42.30 -33.21 4.96
C LYS C 28 41.53 -34.40 4.39
N VAL C 29 40.33 -34.14 3.88
CA VAL C 29 39.59 -35.10 3.07
C VAL C 29 39.47 -34.54 1.67
N PHE C 30 39.44 -35.41 0.68
CA PHE C 30 39.28 -35.00 -0.71
C PHE C 30 38.01 -35.62 -1.28
N ASN C 31 37.31 -34.85 -2.04
CA ASN C 31 36.06 -35.34 -2.62
C ASN C 31 36.35 -36.14 -3.87
N PRO C 32 35.49 -37.11 -4.20
CA PRO C 32 35.54 -37.71 -5.52
C PRO C 32 35.19 -36.67 -6.57
N PRO C 33 35.94 -36.62 -7.67
CA PRO C 33 35.74 -35.52 -8.61
C PRO C 33 34.35 -35.56 -9.23
N ARG C 34 33.60 -34.48 -9.05
CA ARG C 34 32.25 -34.38 -9.58
C ARG C 34 32.13 -33.45 -10.77
N ASN C 35 33.24 -32.91 -11.29
CA ASN C 35 33.16 -31.81 -12.24
C ASN C 35 32.32 -32.15 -13.47
N MET C 36 31.60 -31.14 -13.95
CA MET C 36 30.72 -31.22 -15.13
C MET C 36 29.82 -32.45 -15.11
N LEU C 37 29.06 -32.57 -14.05
CA LEU C 37 27.92 -33.47 -14.14
C LEU C 37 26.78 -32.80 -14.90
N PRO C 38 25.86 -33.58 -15.47
CA PRO C 38 24.78 -32.98 -16.25
C PRO C 38 23.71 -32.38 -15.37
N GLY C 39 22.94 -31.47 -15.97
CA GLY C 39 21.75 -30.94 -15.34
C GLY C 39 21.96 -30.19 -14.06
N ARG C 40 22.84 -29.20 -14.05
CA ARG C 40 23.05 -28.42 -12.85
C ARG C 40 22.26 -27.13 -12.92
N PHE C 41 21.72 -26.70 -11.78
CA PHE C 41 21.08 -25.42 -11.65
C PHE C 41 21.55 -24.75 -10.37
N THR C 42 22.08 -23.53 -10.49
CA THR C 42 22.58 -22.83 -9.33
C THR C 42 21.54 -21.90 -8.72
N ASN C 43 20.41 -21.68 -9.40
CA ASN C 43 19.42 -20.75 -8.89
C ASN C 43 18.02 -21.30 -9.16
N LEU C 44 17.16 -21.25 -8.15
CA LEU C 44 15.87 -21.93 -8.24
C LEU C 44 14.89 -21.17 -9.12
N LEU C 45 15.22 -19.95 -9.53
CA LEU C 45 14.38 -19.26 -10.50
C LEU C 45 14.65 -19.68 -11.93
N ASP C 46 15.91 -19.96 -12.28
CA ASP C 46 16.21 -20.35 -13.64
C ASP C 46 15.45 -21.60 -14.04
N VAL C 47 15.33 -22.55 -13.12
CA VAL C 47 14.52 -23.73 -13.40
C VAL C 47 13.04 -23.34 -13.48
N ALA C 48 12.65 -22.22 -12.88
CA ALA C 48 11.28 -21.77 -13.01
C ALA C 48 11.04 -21.07 -14.34
N GLU C 49 12.07 -20.47 -14.94
CA GLU C 49 11.87 -19.83 -16.23
C GLU C 49 11.92 -20.84 -17.37
N ALA C 50 12.74 -21.87 -17.24
CA ALA C 50 12.99 -22.73 -18.38
C ALA C 50 12.09 -23.95 -18.41
N CYS C 51 11.21 -24.13 -17.42
CA CYS C 51 10.39 -25.33 -17.33
C CYS C 51 8.98 -24.95 -16.87
N PRO C 52 8.11 -24.51 -17.77
CA PRO C 52 6.74 -24.19 -17.37
C PRO C 52 6.00 -25.42 -16.89
N THR C 53 4.97 -25.18 -16.09
CA THR C 53 4.19 -26.26 -15.49
C THR C 53 2.70 -25.96 -15.61
N PHE C 54 1.90 -26.99 -15.34
CA PHE C 54 0.48 -26.93 -15.61
C PHE C 54 -0.27 -26.17 -14.52
N LEU C 55 -1.42 -25.62 -14.89
CA LEU C 55 -2.33 -25.02 -13.93
C LEU C 55 -3.36 -26.04 -13.46
N HIS C 56 -4.37 -25.55 -12.75
CA HIS C 56 -5.37 -26.40 -12.13
C HIS C 56 -6.74 -25.80 -12.34
N PHE C 57 -7.67 -26.60 -12.84
CA PHE C 57 -9.02 -26.12 -13.12
C PHE C 57 -10.05 -27.09 -12.55
N ASP C 58 -11.31 -26.73 -12.74
CA ASP C 58 -12.42 -27.54 -12.25
C ASP C 58 -12.41 -28.91 -12.90
N GLY C 59 -12.82 -29.91 -12.15
CA GLY C 59 -12.57 -31.28 -12.53
C GLY C 59 -11.15 -31.72 -12.32
N ASP C 60 -10.30 -30.83 -11.79
CA ASP C 60 -8.91 -31.15 -11.49
C ASP C 60 -8.15 -31.57 -12.74
N VAL C 61 -8.31 -30.79 -13.81
CA VAL C 61 -7.61 -31.06 -15.06
C VAL C 61 -6.85 -29.80 -15.46
N PRO C 62 -5.65 -29.92 -16.02
CA PRO C 62 -4.89 -28.73 -16.38
C PRO C 62 -5.24 -28.21 -17.75
N TYR C 63 -6.53 -28.10 -18.05
CA TYR C 63 -6.94 -27.55 -19.33
C TYR C 63 -8.37 -27.08 -19.21
N VAL C 64 -8.77 -26.26 -20.15
CA VAL C 64 -10.15 -25.80 -20.20
C VAL C 64 -10.70 -26.04 -21.60
N THR C 65 -11.90 -26.61 -21.64
CA THR C 65 -12.53 -27.05 -22.87
C THR C 65 -13.43 -25.97 -23.42
N THR C 66 -13.46 -25.88 -24.74
CA THR C 66 -14.33 -24.92 -25.41
C THR C 66 -15.78 -25.18 -25.05
N LYS C 67 -16.56 -24.11 -25.00
CA LYS C 67 -17.96 -24.19 -24.60
C LYS C 67 -18.83 -23.44 -25.59
N THR C 68 -20.01 -24.00 -25.86
CA THR C 68 -20.98 -23.38 -26.76
C THR C 68 -22.18 -22.99 -25.91
N ASP C 69 -22.34 -21.69 -25.71
CA ASP C 69 -23.46 -21.09 -24.98
C ASP C 69 -23.25 -19.59 -24.97
N SER C 70 -24.20 -18.89 -24.38
CA SER C 70 -24.09 -17.44 -24.26
C SER C 70 -22.93 -17.04 -23.36
N ASP C 71 -22.30 -17.98 -22.69
CA ASP C 71 -21.26 -17.67 -21.71
C ASP C 71 -19.90 -17.89 -22.34
N ARG C 72 -19.20 -16.79 -22.63
CA ARG C 72 -17.89 -16.86 -23.27
C ARG C 72 -16.73 -16.78 -22.29
N VAL C 73 -17.00 -16.73 -20.99
CA VAL C 73 -15.89 -16.68 -20.04
C VAL C 73 -15.34 -18.08 -19.90
N LEU C 74 -14.10 -18.26 -20.35
CA LEU C 74 -13.54 -19.60 -20.36
C LEU C 74 -12.96 -19.98 -19.00
N ALA C 75 -12.14 -19.10 -18.43
CA ALA C 75 -11.64 -19.27 -17.07
C ALA C 75 -11.27 -17.90 -16.53
N GLN C 76 -11.44 -17.74 -15.22
CA GLN C 76 -11.20 -16.45 -14.57
C GLN C 76 -10.65 -16.69 -13.18
N PHE C 77 -9.57 -16.03 -12.81
CA PHE C 77 -9.00 -16.26 -11.50
C PHE C 77 -8.16 -15.08 -11.04
N ASP C 78 -7.96 -15.02 -9.72
CA ASP C 78 -7.13 -13.98 -9.12
C ASP C 78 -5.73 -14.04 -9.67
N LEU C 79 -5.06 -12.89 -9.71
CA LEU C 79 -3.63 -12.90 -9.92
C LEU C 79 -3.00 -12.88 -8.55
N SER C 80 -2.50 -14.03 -8.14
CA SER C 80 -1.76 -14.17 -6.90
C SER C 80 -1.00 -15.48 -6.99
N LEU C 81 0.04 -15.62 -6.19
CA LEU C 81 0.73 -16.90 -6.19
C LEU C 81 0.15 -17.85 -5.16
N ALA C 82 -0.85 -17.42 -4.41
CA ALA C 82 -1.58 -18.26 -3.49
C ALA C 82 -2.89 -18.78 -4.07
N ALA C 83 -3.18 -18.50 -5.34
CA ALA C 83 -4.43 -18.92 -5.92
C ALA C 83 -4.52 -20.43 -5.97
N LYS C 84 -5.75 -20.95 -6.06
CA LYS C 84 -5.92 -22.38 -6.19
C LYS C 84 -5.46 -22.88 -7.55
N HIS C 85 -5.69 -22.08 -8.60
CA HIS C 85 -5.28 -22.49 -9.93
C HIS C 85 -3.78 -22.65 -10.03
N MET C 86 -3.03 -21.67 -9.55
CA MET C 86 -1.58 -21.71 -9.59
C MET C 86 -0.99 -22.77 -8.67
N SER C 87 -1.79 -23.33 -7.76
CA SER C 87 -1.24 -24.08 -6.63
C SER C 87 -0.33 -25.22 -7.06
N ASN C 88 -0.61 -25.88 -8.18
CA ASN C 88 0.19 -27.01 -8.60
C ASN C 88 1.45 -26.61 -9.36
N THR C 89 1.57 -25.36 -9.79
CA THR C 89 2.73 -24.98 -10.58
C THR C 89 4.00 -25.06 -9.75
N PHE C 90 5.13 -25.16 -10.44
CA PHE C 90 6.41 -25.02 -9.77
C PHE C 90 6.62 -23.58 -9.32
N LEU C 91 6.20 -22.62 -10.15
CA LEU C 91 6.38 -21.21 -9.81
C LEU C 91 5.71 -20.87 -8.49
N ALA C 92 4.44 -21.25 -8.35
CA ALA C 92 3.79 -21.06 -7.06
C ALA C 92 4.33 -22.04 -6.03
N GLY C 93 5.20 -22.95 -6.44
CA GLY C 93 5.86 -23.79 -5.47
C GLY C 93 6.91 -23.05 -4.67
N LEU C 94 7.75 -22.27 -5.34
CA LEU C 94 8.76 -21.49 -4.63
C LEU C 94 8.14 -20.37 -3.82
N ALA C 95 7.04 -19.81 -4.31
CA ALA C 95 6.46 -18.63 -3.66
C ALA C 95 6.25 -18.84 -2.18
N GLN C 96 5.79 -20.01 -1.78
CA GLN C 96 5.42 -20.21 -0.39
C GLN C 96 6.58 -20.04 0.57
N TYR C 97 7.81 -20.05 0.06
CA TYR C 97 8.99 -19.87 0.89
C TYR C 97 9.52 -18.45 0.86
N TYR C 98 8.87 -17.55 0.13
CA TYR C 98 9.27 -16.16 0.07
C TYR C 98 8.06 -15.27 0.36
N THR C 99 8.30 -14.13 0.98
CA THR C 99 7.22 -13.23 1.31
C THR C 99 6.76 -12.38 0.14
N GLN C 100 7.69 -11.88 -0.68
CA GLN C 100 7.38 -10.83 -1.63
C GLN C 100 7.94 -11.18 -2.99
N TYR C 101 7.38 -10.58 -4.03
CA TYR C 101 7.82 -10.82 -5.39
C TYR C 101 7.61 -9.55 -6.20
N SER C 102 8.20 -9.52 -7.38
CA SER C 102 7.86 -8.53 -8.37
C SER C 102 8.24 -9.08 -9.74
N GLY C 103 7.69 -8.47 -10.78
CA GLY C 103 8.00 -8.85 -12.13
C GLY C 103 6.88 -9.60 -12.82
N THR C 104 7.19 -10.03 -14.03
CA THR C 104 6.19 -10.57 -14.94
C THR C 104 6.03 -12.07 -14.73
N VAL C 105 4.79 -12.54 -14.88
CA VAL C 105 4.47 -13.96 -14.84
C VAL C 105 3.88 -14.34 -16.19
N ASN C 106 4.53 -15.27 -16.88
CA ASN C 106 4.15 -15.66 -18.23
C ASN C 106 3.16 -16.82 -18.19
N LEU C 107 2.19 -16.78 -19.08
CA LEU C 107 1.25 -17.87 -19.28
C LEU C 107 1.37 -18.42 -20.69
N HIS C 108 1.35 -19.75 -20.79
CA HIS C 108 1.49 -20.44 -22.06
C HIS C 108 0.20 -21.18 -22.37
N PHE C 109 -0.29 -21.04 -23.59
CA PHE C 109 -1.52 -21.68 -24.01
C PHE C 109 -1.19 -22.57 -25.19
N MET C 110 -1.72 -23.80 -25.19
CA MET C 110 -1.52 -24.71 -26.31
C MET C 110 -2.83 -25.36 -26.68
N PHE C 111 -3.26 -25.17 -27.91
CA PHE C 111 -4.54 -25.71 -28.36
C PHE C 111 -4.38 -27.14 -28.82
N THR C 112 -5.16 -28.02 -28.21
CA THR C 112 -5.00 -29.46 -28.41
C THR C 112 -5.92 -30.04 -29.47
N GLY C 113 -6.89 -29.27 -29.96
CA GLY C 113 -7.94 -29.81 -30.79
C GLY C 113 -7.47 -30.33 -32.13
N PRO C 114 -8.38 -31.01 -32.84
CA PRO C 114 -8.03 -31.61 -34.13
C PRO C 114 -7.85 -30.55 -35.19
N THR C 115 -7.26 -30.98 -36.31
CA THR C 115 -6.85 -30.03 -37.34
C THR C 115 -8.04 -29.37 -38.03
N ASP C 116 -9.24 -29.93 -37.87
CA ASP C 116 -10.42 -29.40 -38.54
C ASP C 116 -11.20 -28.43 -37.65
N ALA C 117 -10.72 -28.14 -36.45
CA ALA C 117 -11.39 -27.26 -35.52
C ALA C 117 -10.56 -26.01 -35.32
N LYS C 118 -11.21 -24.85 -35.31
CA LYS C 118 -10.53 -23.58 -35.17
C LYS C 118 -11.25 -22.72 -34.14
N ALA C 119 -10.46 -22.05 -33.31
CA ALA C 119 -11.03 -21.19 -32.27
C ALA C 119 -10.17 -19.95 -32.16
N ARG C 120 -10.72 -18.94 -31.50
CA ARG C 120 -10.06 -17.66 -31.33
C ARG C 120 -10.29 -17.20 -29.91
N TYR C 121 -9.22 -16.82 -29.21
CA TYR C 121 -9.27 -16.60 -27.78
C TYR C 121 -8.82 -15.19 -27.43
N MET C 122 -9.13 -14.80 -26.20
CA MET C 122 -8.74 -13.52 -25.65
C MET C 122 -8.29 -13.71 -24.21
N ILE C 123 -7.09 -13.25 -23.89
CA ILE C 123 -6.62 -13.17 -22.51
C ILE C 123 -6.55 -11.69 -22.15
N ALA C 124 -6.87 -11.37 -20.90
CA ALA C 124 -6.94 -9.98 -20.50
C ALA C 124 -6.59 -9.84 -19.02
N TYR C 125 -6.09 -8.68 -18.66
CA TYR C 125 -5.68 -8.38 -17.29
C TYR C 125 -6.61 -7.33 -16.72
N ALA C 126 -7.29 -7.66 -15.63
CA ALA C 126 -8.20 -6.74 -14.96
C ALA C 126 -7.54 -6.21 -13.71
N PRO C 127 -7.14 -4.95 -13.68
CA PRO C 127 -6.44 -4.40 -12.52
C PRO C 127 -7.39 -4.27 -11.35
N PRO C 128 -6.88 -4.12 -10.13
CA PRO C 128 -7.75 -4.09 -8.96
C PRO C 128 -8.55 -2.80 -8.88
N GLY C 129 -9.58 -2.83 -8.05
CA GLY C 129 -10.41 -1.68 -7.80
C GLY C 129 -11.77 -1.72 -8.44
N MET C 130 -12.00 -2.64 -9.37
CA MET C 130 -13.30 -2.77 -10.01
C MET C 130 -13.52 -4.25 -10.28
N GLU C 131 -14.79 -4.64 -10.32
CA GLU C 131 -15.12 -6.02 -10.60
C GLU C 131 -14.55 -6.42 -11.96
N PRO C 132 -14.05 -7.65 -12.11
CA PRO C 132 -13.45 -8.04 -13.38
C PRO C 132 -14.53 -8.24 -14.42
N PRO C 133 -14.16 -8.21 -15.70
CA PRO C 133 -15.17 -8.21 -16.76
C PRO C 133 -15.79 -9.56 -16.96
N LYS C 134 -17.10 -9.56 -17.21
CA LYS C 134 -17.82 -10.80 -17.49
C LYS C 134 -18.05 -11.07 -18.96
N THR C 135 -17.67 -10.16 -19.85
CA THR C 135 -17.87 -10.34 -21.27
C THR C 135 -16.65 -9.82 -22.01
N PRO C 136 -16.28 -10.46 -23.12
CA PRO C 136 -15.13 -9.98 -23.90
C PRO C 136 -15.26 -8.54 -24.33
N GLU C 137 -16.47 -8.09 -24.66
CA GLU C 137 -16.66 -6.70 -25.03
C GLU C 137 -16.34 -5.77 -23.87
N ALA C 138 -16.65 -6.21 -22.66
CA ALA C 138 -16.29 -5.40 -21.49
C ALA C 138 -14.79 -5.44 -21.26
N ALA C 139 -14.16 -6.60 -21.48
CA ALA C 139 -12.73 -6.72 -21.25
C ALA C 139 -11.90 -6.04 -22.31
N ALA C 140 -12.47 -5.77 -23.49
CA ALA C 140 -11.69 -5.25 -24.59
C ALA C 140 -11.03 -3.93 -24.25
N HIS C 141 -11.47 -3.27 -23.19
CA HIS C 141 -10.87 -2.01 -22.78
C HIS C 141 -9.66 -2.21 -21.89
N CYS C 142 -9.47 -3.39 -21.32
CA CYS C 142 -8.31 -3.66 -20.50
C CYS C 142 -7.09 -3.91 -21.38
N ILE C 143 -5.99 -4.26 -20.74
CA ILE C 143 -4.86 -4.81 -21.46
C ILE C 143 -5.18 -6.24 -21.85
N HIS C 144 -5.03 -6.57 -23.12
CA HIS C 144 -5.44 -7.89 -23.55
C HIS C 144 -4.65 -8.28 -24.79
N ALA C 145 -4.69 -9.57 -25.10
CA ALA C 145 -4.18 -10.10 -26.35
C ALA C 145 -5.23 -11.00 -26.95
N GLU C 146 -5.07 -11.28 -28.24
CA GLU C 146 -6.01 -12.13 -28.94
C GLU C 146 -5.26 -12.95 -29.99
N TRP C 147 -5.58 -14.24 -30.06
CA TRP C 147 -4.88 -15.15 -30.95
C TRP C 147 -5.87 -16.22 -31.39
N ASP C 148 -5.51 -16.92 -32.46
CA ASP C 148 -6.33 -18.03 -32.91
C ASP C 148 -5.47 -19.22 -33.31
N THR C 149 -6.14 -20.32 -33.61
CA THR C 149 -5.46 -21.58 -33.88
C THR C 149 -4.92 -21.61 -35.29
N GLY C 150 -3.92 -22.45 -35.49
CA GLY C 150 -3.25 -22.52 -36.78
C GLY C 150 -2.07 -23.45 -36.73
N LEU C 151 -1.13 -23.23 -37.64
CA LEU C 151 0.07 -24.05 -37.69
C LEU C 151 0.77 -24.10 -36.33
N ASN C 152 1.07 -22.94 -35.74
CA ASN C 152 1.62 -22.89 -34.40
C ASN C 152 0.51 -23.22 -33.41
N SER C 153 0.81 -24.12 -32.48
CA SER C 153 -0.20 -24.50 -31.50
C SER C 153 -0.11 -23.73 -30.19
N LYS C 154 0.93 -22.93 -29.98
CA LYS C 154 1.20 -22.37 -28.67
C LYS C 154 1.26 -20.85 -28.72
N PHE C 155 0.71 -20.22 -27.69
CA PHE C 155 0.75 -18.78 -27.52
C PHE C 155 1.28 -18.47 -26.14
N THR C 156 2.01 -17.38 -26.01
CA THR C 156 2.63 -17.00 -24.74
C THR C 156 2.31 -15.55 -24.43
N PHE C 157 1.81 -15.30 -23.22
CA PHE C 157 1.34 -13.98 -22.85
C PHE C 157 1.94 -13.56 -21.52
N SER C 158 2.52 -12.36 -21.49
CA SER C 158 3.19 -11.87 -20.30
C SER C 158 2.24 -11.01 -19.49
N ILE C 159 1.98 -11.41 -18.25
CA ILE C 159 1.09 -10.65 -17.36
C ILE C 159 1.92 -9.60 -16.63
N PRO C 160 1.65 -8.32 -16.83
CA PRO C 160 2.55 -7.30 -16.30
C PRO C 160 2.51 -7.25 -14.79
N TYR C 161 3.60 -6.77 -14.21
CA TYR C 161 3.60 -6.45 -12.80
C TYR C 161 3.23 -4.99 -12.67
N LEU C 162 2.04 -4.73 -12.17
CA LEU C 162 1.53 -3.37 -12.09
C LEU C 162 0.94 -3.18 -10.70
N SER C 163 1.58 -2.34 -9.90
CA SER C 163 1.15 -2.16 -8.52
C SER C 163 1.67 -0.82 -8.02
N ALA C 164 1.07 -0.37 -6.92
CA ALA C 164 1.54 0.87 -6.31
C ALA C 164 2.91 0.70 -5.68
N ALA C 165 3.05 -0.28 -4.81
CA ALA C 165 4.32 -0.56 -4.14
C ALA C 165 5.20 -1.43 -5.01
N ASP C 166 6.50 -1.21 -4.89
CA ASP C 166 7.46 -1.87 -5.78
C ASP C 166 7.44 -3.39 -5.64
N TYR C 167 6.91 -3.91 -4.54
CA TYR C 167 6.82 -5.34 -4.31
C TYR C 167 5.42 -5.69 -3.83
N ALA C 168 5.07 -6.95 -3.95
CA ALA C 168 3.76 -7.43 -3.55
C ALA C 168 3.88 -8.73 -2.78
N TYR C 169 3.03 -8.90 -1.78
CA TYR C 169 3.09 -10.09 -0.95
C TYR C 169 2.72 -11.32 -1.74
N THR C 170 3.43 -12.41 -1.49
CA THR C 170 3.04 -13.68 -2.09
C THR C 170 1.77 -14.20 -1.46
N ALA C 171 1.73 -14.30 -0.14
CA ALA C 171 0.60 -14.85 0.58
C ALA C 171 -0.61 -13.94 0.44
N SER C 172 -1.79 -14.52 0.70
CA SER C 172 -3.04 -13.80 0.65
C SER C 172 -3.58 -13.64 2.06
N ASP C 173 -3.61 -12.40 2.56
CA ASP C 173 -4.03 -12.13 3.91
C ASP C 173 -5.52 -12.42 4.10
N ALA C 174 -5.85 -12.99 5.25
CA ALA C 174 -7.22 -13.39 5.53
C ALA C 174 -8.17 -12.19 5.57
N ALA C 175 -7.67 -11.01 5.91
CA ALA C 175 -8.50 -9.80 5.96
C ALA C 175 -8.65 -9.15 4.61
N GLU C 176 -8.12 -9.77 3.56
CA GLU C 176 -8.24 -9.28 2.19
C GLU C 176 -9.47 -9.93 1.57
N THR C 177 -10.51 -9.12 1.33
CA THR C 177 -11.72 -9.66 0.71
C THR C 177 -11.53 -9.79 -0.79
N THR C 178 -11.02 -8.75 -1.43
CA THR C 178 -10.83 -8.71 -2.86
C THR C 178 -9.34 -8.69 -3.18
N ASN C 179 -8.93 -9.43 -4.18
CA ASN C 179 -7.52 -9.54 -4.53
C ASN C 179 -6.89 -8.17 -4.73
N VAL C 180 -5.67 -8.00 -4.23
CA VAL C 180 -4.99 -6.73 -4.38
C VAL C 180 -4.38 -6.59 -5.77
N GLN C 181 -3.95 -7.68 -6.37
CA GLN C 181 -3.28 -7.62 -7.66
C GLN C 181 -4.23 -7.74 -8.84
N GLY C 182 -5.53 -7.79 -8.60
CA GLY C 182 -6.47 -7.89 -9.69
C GLY C 182 -6.55 -9.30 -10.24
N TRP C 183 -7.23 -9.41 -11.37
CA TRP C 183 -7.57 -10.69 -11.95
C TRP C 183 -7.00 -10.79 -13.35
N VAL C 184 -6.93 -12.01 -13.85
CA VAL C 184 -6.72 -12.25 -15.27
C VAL C 184 -7.89 -13.08 -15.76
N CYS C 185 -8.33 -12.81 -16.98
CA CYS C 185 -9.55 -13.40 -17.50
C CYS C 185 -9.25 -14.01 -18.86
N LEU C 186 -9.76 -15.21 -19.09
CA LEU C 186 -9.55 -15.90 -20.36
C LEU C 186 -10.91 -16.14 -21.01
N PHE C 187 -11.08 -15.67 -22.24
CA PHE C 187 -12.35 -15.72 -22.94
C PHE C 187 -12.21 -16.54 -24.21
N GLN C 188 -13.35 -17.01 -24.69
CA GLN C 188 -13.43 -17.68 -25.98
C GLN C 188 -14.25 -16.81 -26.92
N ILE C 189 -13.59 -16.19 -27.89
CA ILE C 189 -14.31 -15.33 -28.82
C ILE C 189 -15.30 -16.14 -29.64
N THR C 190 -14.79 -17.13 -30.38
CA THR C 190 -15.66 -18.05 -31.10
C THR C 190 -14.86 -19.29 -31.43
N HIS C 191 -15.55 -20.30 -31.95
CA HIS C 191 -14.90 -21.56 -32.28
C HIS C 191 -15.56 -22.17 -33.51
N GLY C 192 -14.75 -22.51 -34.51
CA GLY C 192 -15.25 -23.42 -35.51
C GLY C 192 -15.26 -24.87 -35.04
N LYS C 193 -16.42 -25.51 -34.99
CA LYS C 193 -16.54 -26.95 -34.80
C LYS C 193 -15.62 -27.46 -33.69
N ALA C 194 -15.40 -26.65 -32.67
CA ALA C 194 -14.42 -26.95 -31.64
C ALA C 194 -15.02 -27.58 -30.40
N GLU C 195 -16.30 -27.93 -30.43
CA GLU C 195 -16.96 -28.45 -29.24
C GLU C 195 -16.21 -29.65 -28.69
N GLY C 196 -15.96 -29.61 -27.39
CA GLY C 196 -15.27 -30.68 -26.71
C GLY C 196 -13.78 -30.74 -26.94
N ASP C 197 -13.15 -29.64 -27.34
CA ASP C 197 -11.72 -29.64 -27.61
C ASP C 197 -10.99 -28.86 -26.54
N ALA C 198 -9.79 -29.32 -26.20
CA ALA C 198 -9.13 -28.91 -24.97
C ALA C 198 -8.04 -27.89 -25.25
N LEU C 199 -7.89 -26.95 -24.32
CA LEU C 199 -6.81 -25.96 -24.34
C LEU C 199 -6.02 -26.12 -23.04
N VAL C 200 -4.79 -26.60 -23.13
CA VAL C 200 -3.94 -26.75 -21.96
C VAL C 200 -3.19 -25.46 -21.74
N VAL C 201 -2.98 -25.10 -20.48
CA VAL C 201 -2.34 -23.83 -20.14
C VAL C 201 -1.18 -24.11 -19.20
N LEU C 202 -0.15 -23.27 -19.27
CA LEU C 202 1.08 -23.42 -18.53
C LEU C 202 1.49 -22.07 -17.97
N ALA C 203 2.36 -22.09 -16.97
CA ALA C 203 2.80 -20.85 -16.35
C ALA C 203 4.25 -20.97 -15.95
N SER C 204 5.00 -19.88 -16.15
CA SER C 204 6.41 -19.87 -15.80
C SER C 204 6.83 -18.42 -15.59
N ALA C 205 7.96 -18.25 -14.92
CA ALA C 205 8.45 -16.91 -14.62
C ALA C 205 8.82 -16.18 -15.90
N GLY C 206 8.81 -14.86 -15.85
CA GLY C 206 9.22 -14.05 -16.96
C GLY C 206 10.68 -13.69 -16.87
N LYS C 207 11.09 -12.72 -17.71
CA LYS C 207 12.46 -12.25 -17.68
C LYS C 207 12.76 -11.53 -16.38
N ASP C 208 11.89 -10.60 -15.98
CA ASP C 208 12.16 -9.70 -14.87
C ASP C 208 11.60 -10.19 -13.55
N PHE C 209 11.01 -11.38 -13.52
CA PHE C 209 10.40 -11.88 -12.30
C PHE C 209 11.45 -12.01 -11.21
N GLU C 210 11.14 -11.43 -10.05
CA GLU C 210 12.09 -11.35 -8.95
C GLU C 210 11.37 -11.70 -7.67
N LEU C 211 12.06 -12.42 -6.78
CA LEU C 211 11.46 -13.01 -5.61
C LEU C 211 12.44 -12.89 -4.45
N ARG C 212 11.97 -12.42 -3.30
CA ARG C 212 12.91 -12.03 -2.26
C ARG C 212 12.35 -12.37 -0.88
N LEU C 213 13.15 -12.08 0.14
CA LEU C 213 12.79 -12.28 1.54
C LEU C 213 12.34 -13.69 1.85
N PRO C 214 13.25 -14.65 1.96
CA PRO C 214 12.84 -16.02 2.30
C PRO C 214 12.24 -16.08 3.68
N VAL C 215 11.26 -16.96 3.83
CA VAL C 215 10.58 -17.21 5.10
C VAL C 215 10.09 -18.65 5.10
N ASP C 216 10.07 -19.26 6.27
CA ASP C 216 9.54 -20.61 6.42
C ASP C 216 8.14 -20.50 7.02
N ALA C 217 7.13 -20.73 6.19
CA ALA C 217 5.73 -20.54 6.53
C ALA C 217 5.05 -21.82 7.00
N ARG C 218 5.81 -22.89 7.23
CA ARG C 218 5.31 -24.27 7.26
C ARG C 218 4.87 -24.64 5.85
N GLN C 219 3.60 -25.05 5.69
CA GLN C 219 3.09 -25.46 4.37
C GLN C 219 3.89 -26.62 3.78
N SER D 5 27.72 8.15 9.84
CA SER D 5 26.64 9.10 9.61
C SER D 5 25.83 9.30 10.87
N GLY D 6 25.39 8.20 11.46
CA GLY D 6 24.62 8.24 12.68
C GLY D 6 25.55 8.30 13.88
N ASN D 7 25.13 7.70 14.99
CA ASN D 7 26.01 7.59 16.14
C ASN D 7 26.77 6.27 16.07
N THR D 8 28.04 6.37 15.70
CA THR D 8 28.92 5.21 15.55
C THR D 8 30.32 5.60 15.96
N GLY D 9 30.93 4.80 16.84
CA GLY D 9 32.22 5.14 17.41
C GLY D 9 33.40 4.29 16.98
N SER D 10 33.20 3.40 16.02
CA SER D 10 34.25 2.47 15.62
C SER D 10 35.20 3.15 14.65
N ILE D 11 36.49 3.18 15.02
CA ILE D 11 37.49 3.67 14.10
C ILE D 11 38.05 2.55 13.23
N ILE D 12 37.56 1.34 13.39
CA ILE D 12 38.02 0.20 12.61
C ILE D 12 36.85 -0.32 11.78
N ASN D 13 37.18 -1.01 10.70
CA ASN D 13 36.16 -1.44 9.74
C ASN D 13 35.22 -2.45 10.39
N ASN D 14 33.94 -2.36 10.04
CA ASN D 14 32.96 -3.30 10.56
C ASN D 14 33.30 -4.73 10.15
N TYR D 15 33.12 -5.66 11.09
CA TYR D 15 33.55 -7.03 10.86
C TYR D 15 32.73 -7.70 9.76
N TYR D 16 31.49 -7.28 9.57
CA TYR D 16 30.60 -7.90 8.61
C TYR D 16 30.48 -7.03 7.37
N MET D 17 30.26 -7.68 6.23
CA MET D 17 30.14 -6.96 4.98
C MET D 17 29.05 -5.90 5.07
N GLN D 18 29.25 -4.81 4.34
CA GLN D 18 28.23 -3.77 4.25
C GLN D 18 26.91 -4.33 3.78
N GLN D 19 26.94 -5.46 3.07
CA GLN D 19 25.74 -6.03 2.49
C GLN D 19 24.86 -6.69 3.54
N TYR D 20 25.45 -7.15 4.64
CA TYR D 20 24.73 -7.78 5.74
C TYR D 20 24.33 -6.80 6.83
N GLN D 21 25.31 -6.13 7.43
CA GLN D 21 25.03 -5.20 8.53
C GLN D 21 23.88 -4.26 8.20
N ASN D 22 23.77 -3.83 6.95
CA ASN D 22 22.72 -2.91 6.54
C ASN D 22 21.98 -3.48 5.34
N SER D 23 20.84 -2.86 5.05
CA SER D 23 20.14 -3.11 3.80
C SER D 23 20.74 -2.24 2.69
N MET D 24 20.93 -2.85 1.53
CA MET D 24 21.55 -2.18 0.41
C MET D 24 20.53 -1.30 -0.30
N ASP D 25 20.88 -0.03 -0.49
CA ASP D 25 20.05 0.89 -1.24
C ASP D 25 20.16 0.63 -2.74
N THR D 26 19.16 1.11 -3.47
CA THR D 26 19.18 1.09 -4.92
C THR D 26 18.88 2.48 -5.46
N GLN D 27 19.12 2.65 -6.75
CA GLN D 27 18.95 3.93 -7.41
C GLN D 27 17.98 3.79 -8.57
N LEU D 28 17.49 4.93 -9.04
CA LEU D 28 16.51 4.95 -10.11
C LEU D 28 16.84 6.08 -11.09
N GLY D 29 16.56 5.84 -12.37
CA GLY D 29 16.76 6.84 -13.39
C GLY D 29 18.20 6.98 -13.83
N ASN D 55 20.80 19.37 3.65
CA ASN D 55 19.66 18.57 4.06
C ASN D 55 18.68 18.49 2.91
N ASP D 56 19.22 18.47 1.69
CA ASP D 56 18.40 18.45 0.50
C ASP D 56 17.48 19.66 0.56
N TRP D 57 16.16 19.46 0.66
CA TRP D 57 15.24 20.58 0.50
C TRP D 57 15.40 21.63 1.60
N PHE D 58 15.18 21.26 2.86
CA PHE D 58 15.03 22.29 3.88
C PHE D 58 16.31 23.06 4.16
N SER D 59 17.48 22.43 4.06
CA SER D 59 18.70 23.22 4.19
C SER D 59 18.86 24.16 3.00
N LYS D 60 18.51 23.71 1.80
CA LYS D 60 18.54 24.61 0.66
C LYS D 60 17.48 25.69 0.80
N LEU D 61 16.46 25.44 1.61
CA LEU D 61 15.48 26.48 1.89
C LEU D 61 16.02 27.46 2.91
N ALA D 62 16.60 26.96 4.00
CA ALA D 62 17.03 27.84 5.07
C ALA D 62 18.25 28.66 4.66
N SER D 63 19.00 28.18 3.66
CA SER D 63 20.17 28.92 3.22
C SER D 63 19.80 30.14 2.40
N SER D 64 18.57 30.20 1.91
CA SER D 64 18.14 31.32 1.09
C SER D 64 17.49 32.43 1.91
N ALA D 65 17.50 32.32 3.23
CA ALA D 65 16.89 33.34 4.07
C ALA D 65 17.50 34.71 3.79
N PHE D 66 16.65 35.73 3.78
CA PHE D 66 17.09 37.08 3.47
C PHE D 66 17.51 37.80 4.75
N SER D 67 18.80 38.12 4.84
CA SER D 67 19.38 38.72 6.04
C SER D 67 19.47 40.23 5.90
N GLY D 68 19.11 40.75 4.72
CA GLY D 68 19.37 42.14 4.45
C GLY D 68 18.38 43.11 5.03
N LEU D 69 18.57 44.40 4.75
CA LEU D 69 17.61 45.44 5.05
C LEU D 69 16.86 45.77 3.78
N PHE D 70 15.54 45.87 3.87
CA PHE D 70 14.77 46.15 2.67
C PHE D 70 14.80 47.62 2.28
N GLY D 71 14.94 48.53 3.24
CA GLY D 71 15.00 49.94 2.92
C GLY D 71 16.39 50.52 3.02
N ALA D 72 16.54 51.79 2.66
CA ALA D 72 17.81 52.48 2.73
C ALA D 72 18.29 52.55 4.18
N LEU D 73 19.60 52.44 4.37
CA LEU D 73 20.22 52.49 5.67
C LEU D 73 20.67 53.92 5.96
N LEU D 74 20.57 54.33 7.22
CA LEU D 74 21.02 55.64 7.66
C LEU D 74 21.88 55.45 8.89
N ALA D 75 23.07 56.03 8.88
CA ALA D 75 24.02 55.95 9.99
C ALA D 75 24.47 54.53 10.27
N VAL E 5 -20.51 -5.55 1.39
CA VAL E 5 -21.31 -6.58 0.73
C VAL E 5 -21.49 -7.77 1.64
N GLN E 6 -22.75 -8.07 1.98
CA GLN E 6 -23.01 -9.08 2.99
C GLN E 6 -24.04 -10.06 2.49
N LEU E 7 -23.85 -11.33 2.86
CA LEU E 7 -24.74 -12.42 2.48
C LEU E 7 -25.47 -12.93 3.71
N GLN E 8 -26.68 -13.43 3.48
CA GLN E 8 -27.43 -14.04 4.57
C GLN E 8 -28.07 -15.34 4.08
N GLU E 9 -27.64 -16.45 4.67
CA GLU E 9 -28.24 -17.75 4.46
C GLU E 9 -29.58 -17.84 5.17
N SER E 10 -30.37 -18.84 4.78
CA SER E 10 -31.63 -19.16 5.42
C SER E 10 -32.17 -20.43 4.78
N GLY E 11 -33.26 -20.93 5.34
CA GLY E 11 -33.85 -22.17 4.87
C GLY E 11 -33.33 -23.40 5.56
N GLY E 12 -32.44 -23.26 6.54
CA GLY E 12 -31.94 -24.39 7.28
C GLY E 12 -33.00 -24.97 8.21
N GLY E 13 -32.59 -25.95 8.99
CA GLY E 13 -33.54 -26.57 9.89
C GLY E 13 -33.13 -28.01 10.18
N LEU E 14 -34.14 -28.80 10.52
CA LEU E 14 -33.97 -30.23 10.77
C LEU E 14 -34.84 -31.03 9.81
N VAL E 15 -34.42 -32.24 9.50
CA VAL E 15 -35.12 -33.13 8.57
C VAL E 15 -34.66 -34.55 8.88
N GLN E 16 -35.37 -35.52 8.32
CA GLN E 16 -35.01 -36.93 8.43
C GLN E 16 -34.67 -37.46 7.04
N ALA E 17 -33.90 -38.55 7.02
CA ALA E 17 -33.26 -39.05 5.80
C ALA E 17 -34.27 -39.23 4.68
N GLY E 18 -33.84 -38.95 3.46
CA GLY E 18 -34.72 -38.95 2.30
C GLY E 18 -35.49 -37.67 2.12
N GLY E 19 -35.43 -36.74 3.08
CA GLY E 19 -36.14 -35.49 3.00
C GLY E 19 -35.52 -34.54 1.99
N SER E 20 -35.93 -33.29 2.07
CA SER E 20 -35.41 -32.26 1.19
C SER E 20 -35.49 -30.89 1.86
N LEU E 21 -34.53 -30.04 1.54
CA LEU E 21 -34.53 -28.66 2.01
C LEU E 21 -34.17 -27.74 0.86
N ARG E 22 -34.62 -26.49 0.96
CA ARG E 22 -34.28 -25.45 0.01
C ARG E 22 -33.63 -24.31 0.79
N LEU E 23 -32.34 -24.12 0.58
CA LEU E 23 -31.61 -23.05 1.24
C LEU E 23 -31.73 -21.76 0.45
N SER E 24 -31.73 -20.65 1.17
CA SER E 24 -31.91 -19.34 0.56
C SER E 24 -30.80 -18.42 1.03
N CYS E 25 -30.28 -17.63 0.09
CA CYS E 25 -29.18 -16.73 0.38
C CYS E 25 -29.44 -15.41 -0.33
N ALA E 26 -29.43 -14.31 0.43
CA ALA E 26 -29.67 -12.99 -0.12
C ALA E 26 -28.37 -12.20 -0.12
N ALA E 27 -28.17 -11.43 -1.19
CA ALA E 27 -26.96 -10.64 -1.35
C ALA E 27 -27.29 -9.15 -1.30
N SER E 28 -26.31 -8.37 -0.87
CA SER E 28 -26.55 -6.96 -0.62
C SER E 28 -25.25 -6.19 -0.83
N GLY E 29 -25.39 -4.95 -1.29
CA GLY E 29 -24.29 -4.02 -1.34
C GLY E 29 -23.72 -3.77 -2.72
N ARG E 30 -24.02 -4.62 -3.70
CA ARG E 30 -23.46 -4.46 -5.04
C ARG E 30 -24.23 -5.38 -5.99
N THR E 31 -23.89 -5.30 -7.28
CA THR E 31 -24.58 -6.06 -8.31
C THR E 31 -24.45 -7.55 -8.06
N PHE E 32 -25.57 -8.24 -7.95
CA PHE E 32 -25.53 -9.68 -7.75
C PHE E 32 -25.35 -10.44 -9.05
N SER E 33 -25.73 -9.84 -10.17
CA SER E 33 -25.68 -10.53 -11.45
C SER E 33 -24.29 -10.53 -12.06
N SER E 34 -23.32 -9.92 -11.40
CA SER E 34 -21.94 -9.96 -11.84
C SER E 34 -21.12 -11.01 -11.11
N TYR E 35 -21.69 -11.73 -10.14
CA TYR E 35 -20.93 -12.63 -9.30
C TYR E 35 -21.31 -14.07 -9.56
N ALA E 36 -20.31 -14.94 -9.44
CA ALA E 36 -20.59 -16.36 -9.33
C ALA E 36 -20.95 -16.69 -7.88
N MET E 37 -21.77 -17.71 -7.70
CA MET E 37 -22.31 -18.06 -6.40
C MET E 37 -22.10 -19.53 -6.13
N GLY E 38 -21.78 -19.86 -4.88
CA GLY E 38 -21.51 -21.23 -4.53
C GLY E 38 -21.71 -21.48 -3.05
N TRP E 39 -21.79 -22.76 -2.68
CA TRP E 39 -22.03 -23.17 -1.31
C TRP E 39 -20.86 -23.98 -0.79
N PHE E 40 -20.53 -23.78 0.48
CA PHE E 40 -19.58 -24.61 1.19
C PHE E 40 -20.29 -25.25 2.37
N ARG E 41 -19.79 -26.41 2.79
CA ARG E 41 -20.35 -27.02 3.98
C ARG E 41 -19.22 -27.46 4.89
N GLN E 42 -19.39 -27.16 6.17
CA GLN E 42 -18.47 -27.67 7.19
C GLN E 42 -19.24 -28.67 8.03
N ALA E 43 -18.92 -29.95 7.85
CA ALA E 43 -19.42 -30.94 8.78
C ALA E 43 -18.66 -30.82 10.09
N PRO E 44 -19.32 -31.02 11.23
CA PRO E 44 -18.63 -30.84 12.52
C PRO E 44 -17.46 -31.80 12.67
N GLY E 45 -16.32 -31.25 13.01
CA GLY E 45 -15.09 -32.00 13.26
C GLY E 45 -14.23 -32.27 12.05
N SER E 46 -14.87 -32.33 10.88
CA SER E 46 -14.14 -32.27 9.62
C SER E 46 -13.89 -30.82 9.21
N GLU E 47 -12.85 -30.63 8.42
CA GLU E 47 -12.71 -29.32 7.79
C GLU E 47 -13.83 -29.10 6.78
N ARG E 48 -14.05 -27.83 6.47
CA ARG E 48 -15.14 -27.45 5.58
C ARG E 48 -14.85 -27.84 4.13
N GLU E 49 -15.87 -28.35 3.45
CA GLU E 49 -15.74 -28.85 2.09
C GLU E 49 -16.66 -28.08 1.15
N PHE E 50 -16.36 -28.17 -0.14
CA PHE E 50 -17.10 -27.50 -1.20
C PHE E 50 -18.39 -28.22 -1.53
N VAL E 51 -19.35 -27.47 -2.09
CA VAL E 51 -20.64 -28.04 -2.46
C VAL E 51 -20.93 -27.85 -3.94
N ALA E 52 -21.29 -26.63 -4.34
CA ALA E 52 -21.89 -26.42 -5.65
C ALA E 52 -21.65 -25.00 -6.11
N ARG E 53 -21.89 -24.75 -7.40
CA ARG E 53 -21.63 -23.44 -7.96
C ARG E 53 -22.63 -23.07 -9.04
N ILE E 54 -22.80 -21.77 -9.24
CA ILE E 54 -23.63 -21.21 -10.29
C ILE E 54 -22.98 -19.96 -10.83
N SER E 55 -22.89 -19.87 -12.15
CA SER E 55 -22.35 -18.65 -12.76
C SER E 55 -23.40 -17.55 -12.73
N TRP E 56 -22.92 -16.32 -12.89
CA TRP E 56 -23.83 -15.17 -12.91
C TRP E 56 -24.93 -15.32 -13.93
N SER E 57 -24.63 -15.86 -15.10
CA SER E 57 -25.64 -16.08 -16.12
C SER E 57 -26.60 -17.20 -15.77
N GLY E 58 -26.35 -17.93 -14.69
CA GLY E 58 -27.14 -19.09 -14.38
C GLY E 58 -26.89 -20.26 -15.30
N GLY E 59 -26.06 -20.10 -16.33
CA GLY E 59 -25.86 -21.15 -17.30
C GLY E 59 -25.10 -22.34 -16.76
N SER E 60 -23.93 -22.11 -16.19
CA SER E 60 -23.00 -23.17 -15.83
C SER E 60 -23.07 -23.46 -14.34
N THR E 61 -22.91 -24.72 -13.98
CA THR E 61 -22.90 -25.17 -12.60
C THR E 61 -21.82 -26.23 -12.42
N TYR E 62 -21.53 -26.55 -11.18
CA TYR E 62 -20.64 -27.65 -10.86
C TYR E 62 -21.04 -28.20 -9.49
N TYR E 63 -20.98 -29.52 -9.35
CA TYR E 63 -21.43 -30.15 -8.13
C TYR E 63 -20.34 -31.04 -7.56
N ALA E 64 -20.18 -30.96 -6.24
CA ALA E 64 -19.34 -31.92 -5.55
C ALA E 64 -19.87 -33.34 -5.81
N ASP E 65 -18.94 -34.28 -5.86
CA ASP E 65 -19.31 -35.63 -6.26
C ASP E 65 -20.34 -36.24 -5.33
N SER E 66 -20.10 -36.18 -4.01
CA SER E 66 -21.06 -36.74 -3.07
C SER E 66 -22.43 -36.11 -3.20
N VAL E 67 -22.51 -34.81 -3.51
CA VAL E 67 -23.78 -34.15 -3.70
C VAL E 67 -24.21 -34.14 -5.15
N LYS E 68 -23.44 -34.75 -6.04
CA LYS E 68 -23.79 -34.72 -7.45
C LYS E 68 -25.05 -35.52 -7.69
N GLY E 69 -26.04 -34.87 -8.31
CA GLY E 69 -27.30 -35.48 -8.65
C GLY E 69 -28.33 -35.39 -7.55
N ARG E 70 -27.89 -35.29 -6.30
CA ARG E 70 -28.84 -35.08 -5.22
C ARG E 70 -29.23 -33.63 -5.06
N PHE E 71 -28.32 -32.70 -5.36
CA PHE E 71 -28.59 -31.30 -5.09
C PHE E 71 -28.63 -30.48 -6.38
N THR E 72 -29.36 -29.38 -6.34
CA THR E 72 -29.52 -28.52 -7.50
C THR E 72 -29.42 -27.06 -7.08
N ILE E 73 -28.46 -26.35 -7.64
CA ILE E 73 -28.21 -24.95 -7.30
C ILE E 73 -28.90 -24.08 -8.34
N SER E 74 -29.47 -22.96 -7.89
CA SER E 74 -30.08 -22.01 -8.81
C SER E 74 -30.05 -20.63 -8.17
N ARG E 75 -29.90 -19.61 -9.02
CA ARG E 75 -29.86 -18.24 -8.56
C ARG E 75 -30.99 -17.46 -9.20
N ASP E 76 -31.39 -16.38 -8.53
CA ASP E 76 -32.32 -15.41 -9.11
C ASP E 76 -31.63 -14.05 -9.06
N ASN E 77 -31.28 -13.52 -10.23
CA ASN E 77 -30.67 -12.21 -10.28
C ASN E 77 -31.70 -11.12 -10.04
N ALA E 78 -32.92 -11.32 -10.49
CA ALA E 78 -33.99 -10.39 -10.16
C ALA E 78 -34.17 -10.27 -8.66
N LYS E 79 -34.30 -11.40 -7.98
CA LYS E 79 -34.54 -11.40 -6.54
C LYS E 79 -33.26 -11.26 -5.74
N ASN E 80 -32.10 -11.15 -6.40
CA ASN E 80 -30.84 -10.87 -5.71
C ASN E 80 -30.49 -12.00 -4.76
N THR E 81 -30.84 -13.22 -5.15
CA THR E 81 -30.67 -14.37 -4.27
C THR E 81 -30.26 -15.60 -5.06
N VAL E 82 -29.80 -16.61 -4.33
CA VAL E 82 -29.36 -17.88 -4.89
C VAL E 82 -29.92 -19.00 -4.03
N TYR E 83 -30.15 -20.15 -4.65
CA TYR E 83 -30.85 -21.26 -3.99
C TYR E 83 -30.08 -22.56 -4.17
N LEU E 84 -30.07 -23.36 -3.10
CA LEU E 84 -29.56 -24.72 -3.17
C LEU E 84 -30.72 -25.65 -2.79
N GLN E 85 -31.20 -26.42 -3.76
CA GLN E 85 -32.27 -27.35 -3.47
C GLN E 85 -31.69 -28.70 -3.13
N MET E 86 -31.81 -29.08 -1.85
CA MET E 86 -31.23 -30.31 -1.33
C MET E 86 -32.30 -31.40 -1.41
N ASN E 87 -31.93 -32.54 -1.97
CA ASN E 87 -32.86 -33.64 -2.20
C ASN E 87 -32.18 -34.95 -1.83
N SER E 88 -32.98 -35.92 -1.40
CA SER E 88 -32.47 -37.22 -0.98
C SER E 88 -31.40 -37.06 0.10
N LEU E 89 -31.77 -36.35 1.17
CA LEU E 89 -30.80 -36.00 2.20
C LEU E 89 -30.37 -37.24 2.98
N LYS E 90 -29.12 -37.20 3.45
CA LYS E 90 -28.44 -38.33 4.02
C LYS E 90 -27.69 -37.88 5.26
N PRO E 91 -27.68 -38.69 6.33
CA PRO E 91 -27.13 -38.21 7.62
C PRO E 91 -25.72 -37.67 7.54
N GLU E 92 -25.00 -38.03 6.48
CA GLU E 92 -23.68 -37.42 6.26
C GLU E 92 -23.81 -35.93 5.98
N ASP E 93 -24.88 -35.53 5.30
CA ASP E 93 -25.03 -34.15 4.86
C ASP E 93 -25.15 -33.17 6.01
N THR E 94 -25.28 -33.65 7.25
CA THR E 94 -25.33 -32.73 8.39
C THR E 94 -24.09 -31.88 8.42
N ALA E 95 -24.29 -30.57 8.45
CA ALA E 95 -23.21 -29.60 8.38
C ALA E 95 -23.81 -28.21 8.45
N VAL E 96 -22.96 -27.22 8.67
CA VAL E 96 -23.33 -25.84 8.46
C VAL E 96 -23.03 -25.47 7.01
N TYR E 97 -24.00 -24.85 6.36
CA TYR E 97 -23.90 -24.56 4.94
C TYR E 97 -23.66 -23.07 4.74
N TYR E 98 -22.47 -22.73 4.26
CA TYR E 98 -22.08 -21.35 4.05
C TYR E 98 -22.43 -20.93 2.64
N CYS E 99 -23.05 -19.76 2.51
CA CYS E 99 -23.26 -19.17 1.20
C CYS E 99 -22.07 -18.30 0.85
N THR E 100 -21.58 -18.47 -0.37
CA THR E 100 -20.39 -17.75 -0.78
C THR E 100 -20.68 -17.04 -2.09
N ALA E 101 -20.15 -15.84 -2.23
CA ALA E 101 -20.15 -15.17 -3.51
C ALA E 101 -18.77 -15.30 -4.13
N GLY E 102 -18.58 -14.74 -5.31
CA GLY E 102 -17.26 -14.52 -5.82
C GLY E 102 -17.12 -14.58 -7.33
N PHE E 103 -15.93 -14.23 -7.78
CA PHE E 103 -15.46 -14.23 -9.16
C PHE E 103 -14.94 -15.56 -9.66
N ALA E 104 -14.11 -16.25 -8.88
CA ALA E 104 -13.25 -17.34 -9.35
C ALA E 104 -14.08 -18.58 -9.67
N LEU E 105 -13.46 -19.53 -10.37
CA LEU E 105 -14.20 -20.76 -10.68
C LEU E 105 -14.83 -21.25 -9.39
N PRO E 106 -14.09 -21.55 -8.32
CA PRO E 106 -14.73 -21.63 -7.01
C PRO E 106 -15.07 -20.23 -6.52
N PRO E 107 -16.23 -20.02 -5.97
CA PRO E 107 -16.65 -18.66 -5.65
C PRO E 107 -15.81 -18.00 -4.56
N SER E 108 -15.43 -18.76 -3.53
CA SER E 108 -14.58 -18.23 -2.47
C SER E 108 -15.17 -17.02 -1.76
N ASP E 109 -14.51 -15.87 -1.90
CA ASP E 109 -14.62 -14.76 -0.96
C ASP E 109 -16.04 -14.20 -0.86
N TYR E 110 -16.27 -13.37 0.15
CA TYR E 110 -17.60 -12.89 0.52
C TYR E 110 -18.49 -14.01 1.00
N TRP E 111 -18.26 -14.46 2.23
CA TRP E 111 -19.04 -15.55 2.84
C TRP E 111 -20.14 -14.98 3.70
N GLY E 112 -21.28 -15.68 3.71
CA GLY E 112 -22.30 -15.47 4.72
C GLY E 112 -21.95 -16.17 6.02
N GLN E 113 -22.89 -16.10 6.96
CA GLN E 113 -22.64 -16.72 8.26
C GLN E 113 -22.96 -18.21 8.27
N GLY E 114 -23.73 -18.68 7.31
CA GLY E 114 -24.03 -20.09 7.22
C GLY E 114 -25.22 -20.44 8.09
N THR E 115 -25.96 -21.46 7.66
CA THR E 115 -27.14 -21.92 8.38
C THR E 115 -26.92 -23.36 8.82
N GLN E 116 -27.63 -23.77 9.86
CA GLN E 116 -27.46 -25.13 10.38
C GLN E 116 -28.48 -26.06 9.74
N VAL E 117 -28.00 -27.23 9.34
CA VAL E 117 -28.84 -28.27 8.75
C VAL E 117 -28.46 -29.60 9.37
N THR E 118 -29.43 -30.27 9.97
CA THR E 118 -29.23 -31.59 10.56
C THR E 118 -30.31 -32.52 10.04
N VAL E 119 -29.90 -33.51 9.26
CA VAL E 119 -30.77 -34.60 8.84
C VAL E 119 -30.56 -35.76 9.78
N SER E 120 -31.65 -36.37 10.22
CA SER E 120 -31.60 -37.39 11.26
C SER E 120 -32.08 -38.73 10.71
N SER E 121 -31.67 -39.79 11.38
CA SER E 121 -32.04 -41.13 10.96
C SER E 121 -31.97 -42.10 12.15
#